data_8BVX
#
_entry.id   8BVX
#
_cell.length_a   81.589
_cell.length_b   81.874
_cell.length_c   169.954
_cell.angle_alpha   90.000
_cell.angle_beta   90.000
_cell.angle_gamma   90.000
#
_symmetry.space_group_name_H-M   'P 21 21 21'
#
loop_
_entity.id
_entity.type
_entity.pdbx_description
1 polymer 'N-glycosylase/DNA lyase'
2 non-polymer ~{N}-(4-iodophenyl)-1~{H}-pyrazolo[3,4-d]pyrimidin-4-amine
3 non-polymer 1,2-ETHANEDIOL
4 non-polymer 'NICKEL (II) ION'
5 water water
#
_entity_poly.entity_id   1
_entity_poly.type   'polypeptide(L)'
_entity_poly.pdbx_seq_one_letter_code
;GSHMRHRTLSSSPALWASIPCPRSELRLDLVLASGQSFRWKEQSPAHWSGVLADQVWTLTQTEDQLYCTVYRGDDSQVSR
PTLEELETLHKYFQLDVSLAQLYSHWASVDSHFQRVAQKFQGVRLLRQDPTECLFSFICSSNNNIARITGMVERLCQAFG
PRLIQLDDVTYHGFPNLHALAGPEAETHLRKLGLGYRARYVRASAKAILEEQGGPAWLQQLRVAPYEEAHKALCTLPGVG
AKVADCICLMALDKPQAVPVDVHVWQIAHRDYGWHPKTSQAKGPSPLANKELGNFFRNLWGPYAGWAQAVLFSADLRQ
;
_entity_poly.pdbx_strand_id   A,B,C
#
loop_
_chem_comp.id
_chem_comp.type
_chem_comp.name
_chem_comp.formula
EDO non-polymer 1,2-ETHANEDIOL 'C2 H6 O2'
NI non-polymer 'NICKEL (II) ION' 'Ni 2'
RYF non-polymer ~{N}-(4-iodophenyl)-1~{H}-pyrazolo[3,4-d]pyrimidin-4-amine 'C11 H8 I N5'
#
# COMPACT_ATOMS: atom_id res chain seq x y z
N HIS A 3 8.92 43.89 -14.41
CA HIS A 3 10.39 43.95 -14.69
C HIS A 3 11.14 43.04 -13.73
N MET A 4 10.94 43.22 -12.43
CA MET A 4 11.60 42.41 -11.41
C MET A 4 11.05 40.98 -11.47
N ARG A 5 11.94 40.00 -11.26
CA ARG A 5 11.62 38.60 -11.46
C ARG A 5 12.08 37.78 -10.26
N HIS A 6 11.74 36.49 -10.27
CA HIS A 6 12.10 35.56 -9.21
C HIS A 6 13.60 35.32 -9.22
N ARG A 7 14.23 35.48 -8.05
CA ARG A 7 15.66 35.28 -7.89
C ARG A 7 15.96 33.79 -7.84
N THR A 8 17.18 33.43 -8.29
CA THR A 8 17.73 32.11 -8.08
C THR A 8 19.13 32.26 -7.47
N LEU A 9 19.66 31.16 -6.92
CA LEU A 9 20.92 31.17 -6.21
C LEU A 9 22.07 31.42 -7.19
N SER A 10 21.90 30.97 -8.44
CA SER A 10 22.89 31.19 -9.49
C SER A 10 22.85 32.63 -9.98
N SER A 11 21.64 33.17 -10.17
CA SER A 11 21.45 34.47 -10.80
C SER A 11 22.06 35.59 -9.95
N SER A 12 21.54 35.76 -8.74
CA SER A 12 21.89 36.90 -7.90
C SER A 12 22.26 36.44 -6.49
N PRO A 13 23.41 35.73 -6.33
CA PRO A 13 23.79 35.18 -5.02
C PRO A 13 24.20 36.21 -3.97
N ALA A 14 24.35 37.47 -4.38
CA ALA A 14 24.75 38.54 -3.48
C ALA A 14 23.62 38.89 -2.50
N LEU A 15 22.38 38.63 -2.90
CA LEU A 15 21.21 39.05 -2.14
C LEU A 15 20.71 37.94 -1.21
N TRP A 16 21.31 36.74 -1.29
CA TRP A 16 20.89 35.62 -0.47
C TRP A 16 21.60 35.63 0.87
N ALA A 17 21.04 34.87 1.83
CA ALA A 17 21.64 34.64 3.12
C ALA A 17 21.28 33.24 3.60
N SER A 18 22.23 32.59 4.28
CA SER A 18 22.09 31.18 4.63
C SER A 18 21.80 31.03 6.12
N ILE A 19 21.19 29.88 6.46
CA ILE A 19 21.03 29.45 7.85
C ILE A 19 21.48 28.00 7.92
N PRO A 20 22.31 27.60 8.92
CA PRO A 20 22.75 26.22 9.05
C PRO A 20 21.57 25.31 9.36
N CYS A 21 21.22 24.43 8.41
CA CYS A 21 20.04 23.60 8.50
C CYS A 21 20.21 22.30 7.70
N PRO A 22 20.50 21.16 8.37
CA PRO A 22 20.51 19.86 7.70
C PRO A 22 19.13 19.50 7.17
N ARG A 23 19.09 18.52 6.25
CA ARG A 23 17.84 18.09 5.64
C ARG A 23 17.14 17.07 6.54
N SER A 24 17.81 16.63 7.61
CA SER A 24 17.17 15.86 8.67
C SER A 24 16.21 16.76 9.45
N GLU A 25 16.47 18.07 9.45
CA GLU A 25 15.67 19.04 10.18
C GLU A 25 14.58 19.64 9.29
N LEU A 26 14.87 19.84 8.00
CA LEU A 26 13.92 20.49 7.11
C LEU A 26 14.16 20.08 5.66
N ARG A 27 13.12 19.53 5.02
CA ARG A 27 13.03 19.43 3.58
C ARG A 27 11.89 20.31 3.09
N LEU A 28 12.24 21.38 2.36
CA LEU A 28 11.28 22.35 1.86
C LEU A 28 10.16 21.66 1.09
N ASP A 29 10.53 20.70 0.24
CA ASP A 29 9.60 20.10 -0.72
C ASP A 29 8.62 19.16 -0.04
N LEU A 30 8.87 18.81 1.24
CA LEU A 30 7.98 17.94 2.00
C LEU A 30 7.14 18.76 2.98
N VAL A 31 7.37 20.07 3.06
CA VAL A 31 6.77 20.90 4.09
C VAL A 31 5.89 21.98 3.45
N LEU A 32 6.44 22.68 2.45
CA LEU A 32 5.81 23.87 1.89
C LEU A 32 4.60 23.51 1.02
N ALA A 33 4.44 22.22 0.68
CA ALA A 33 3.30 21.78 -0.10
C ALA A 33 2.77 20.44 0.43
N SER A 34 2.65 20.33 1.75
CA SER A 34 2.12 19.14 2.39
C SER A 34 0.79 19.45 3.09
N GLY A 35 0.13 20.53 2.65
CA GLY A 35 -1.18 20.89 3.15
C GLY A 35 -1.13 21.59 4.50
N GLN A 36 0.01 22.21 4.83
CA GLN A 36 0.15 23.05 6.00
C GLN A 36 -0.12 24.50 5.61
N SER A 37 0.76 25.03 4.74
CA SER A 37 0.56 26.33 4.13
C SER A 37 0.12 26.14 2.68
N PHE A 38 -0.58 27.15 2.13
CA PHE A 38 -1.04 27.13 0.77
C PHE A 38 -0.51 28.35 0.02
N ARG A 39 0.61 28.91 0.52
CA ARG A 39 1.10 30.20 0.06
C ARG A 39 2.49 30.06 -0.56
N TRP A 40 2.92 28.83 -0.81
CA TRP A 40 4.24 28.55 -1.37
C TRP A 40 4.10 27.81 -2.69
N LYS A 41 4.93 28.19 -3.67
CA LYS A 41 4.95 27.51 -4.96
C LYS A 41 6.39 27.47 -5.49
N GLU A 42 6.76 26.29 -6.02
CA GLU A 42 8.06 26.09 -6.64
C GLU A 42 8.05 26.74 -8.02
N GLN A 43 8.35 28.05 -8.05
CA GLN A 43 8.29 28.83 -9.27
C GLN A 43 9.36 28.36 -10.25
N SER A 44 10.60 28.28 -9.76
CA SER A 44 11.70 27.64 -10.50
C SER A 44 12.20 26.44 -9.71
N PRO A 45 12.83 25.43 -10.37
CA PRO A 45 13.23 24.20 -9.70
C PRO A 45 14.04 24.41 -8.42
N ALA A 46 13.52 23.86 -7.30
CA ALA A 46 14.19 23.86 -6.01
C ALA A 46 14.16 25.25 -5.36
N HIS A 47 13.34 26.16 -5.89
CA HIS A 47 13.24 27.51 -5.38
C HIS A 47 11.77 27.82 -5.06
N TRP A 48 11.46 27.87 -3.77
CA TRP A 48 10.09 28.06 -3.31
C TRP A 48 9.84 29.51 -2.98
N SER A 49 8.85 30.12 -3.65
CA SER A 49 8.48 31.50 -3.42
C SER A 49 7.13 31.57 -2.71
N GLY A 50 7.00 32.53 -1.79
CA GLY A 50 5.77 32.72 -1.05
C GLY A 50 5.84 33.96 -0.16
N VAL A 51 4.73 34.27 0.51
CA VAL A 51 4.61 35.47 1.31
C VAL A 51 4.58 35.09 2.79
N LEU A 52 5.22 35.94 3.60
CA LEU A 52 5.34 35.73 5.03
C LEU A 52 5.38 37.09 5.74
N ALA A 53 4.29 37.40 6.46
CA ALA A 53 4.20 38.60 7.27
C ALA A 53 4.43 39.85 6.42
N ASP A 54 3.62 40.00 5.37
CA ASP A 54 3.61 41.19 4.53
C ASP A 54 4.97 41.40 3.85
N GLN A 55 5.66 40.28 3.55
CA GLN A 55 6.86 40.30 2.74
C GLN A 55 6.89 39.01 1.91
N VAL A 56 7.66 39.02 0.82
CA VAL A 56 7.82 37.85 -0.02
C VAL A 56 9.21 37.28 0.20
N TRP A 57 9.30 35.94 0.23
CA TRP A 57 10.57 35.23 0.35
C TRP A 57 10.71 34.25 -0.80
N THR A 58 11.97 33.95 -1.15
CA THR A 58 12.29 32.79 -1.97
C THR A 58 13.27 31.92 -1.17
N LEU A 59 12.97 30.61 -1.10
CA LEU A 59 13.71 29.68 -0.27
C LEU A 59 14.24 28.53 -1.13
N THR A 60 15.53 28.23 -0.95
CA THR A 60 16.15 27.02 -1.47
C THR A 60 17.14 26.50 -0.43
N GLN A 61 17.68 25.30 -0.66
CA GLN A 61 18.54 24.67 0.33
C GLN A 61 19.52 23.70 -0.33
N THR A 62 20.67 23.53 0.33
CA THR A 62 21.60 22.47 0.02
C THR A 62 21.42 21.37 1.07
N GLU A 63 22.44 20.54 1.28
CA GLU A 63 22.35 19.42 2.20
C GLU A 63 22.44 19.90 3.65
N ASP A 64 23.14 21.01 3.89
CA ASP A 64 23.37 21.49 5.25
C ASP A 64 23.18 23.01 5.35
N GLN A 65 22.47 23.63 4.40
CA GLN A 65 22.24 25.06 4.42
C GLN A 65 20.85 25.38 3.89
N LEU A 66 20.19 26.37 4.51
CA LEU A 66 18.93 26.90 4.03
C LEU A 66 19.17 28.33 3.53
N TYR A 67 19.10 28.52 2.21
CA TYR A 67 19.31 29.82 1.58
C TYR A 67 17.97 30.54 1.45
N CYS A 68 17.98 31.85 1.72
CA CYS A 68 16.77 32.64 1.72
C CYS A 68 17.05 34.06 1.22
N THR A 69 16.07 34.64 0.52
CA THR A 69 16.15 36.01 0.02
C THR A 69 14.79 36.67 0.16
N VAL A 70 14.80 37.99 0.45
CA VAL A 70 13.58 38.74 0.74
C VAL A 70 13.34 39.73 -0.39
N TYR A 71 12.05 39.97 -0.69
CA TYR A 71 11.62 41.08 -1.52
C TYR A 71 10.70 41.97 -0.70
N ARG A 72 11.18 43.19 -0.39
CA ARG A 72 10.46 44.10 0.48
C ARG A 72 9.32 44.78 -0.29
N GLY A 73 9.63 45.23 -1.52
CA GLY A 73 8.61 45.59 -2.49
C GLY A 73 8.34 47.09 -2.58
N ASP A 74 8.69 47.85 -1.53
CA ASP A 74 8.34 49.26 -1.42
C ASP A 74 9.36 50.14 -2.15
N ASP A 75 9.92 49.63 -3.26
CA ASP A 75 10.82 50.37 -4.12
C ASP A 75 11.96 50.95 -3.28
N SER A 76 12.62 50.09 -2.49
CA SER A 76 13.78 50.45 -1.71
C SER A 76 15.00 49.71 -2.24
N GLN A 77 16.19 50.00 -1.69
CA GLN A 77 17.42 49.36 -2.09
C GLN A 77 17.36 47.89 -1.72
N VAL A 78 17.50 47.02 -2.73
CA VAL A 78 17.52 45.57 -2.53
C VAL A 78 18.78 45.20 -1.78
N SER A 79 18.65 44.27 -0.82
CA SER A 79 19.75 43.84 0.02
C SER A 79 19.45 42.46 0.60
N ARG A 80 20.44 41.91 1.34
CA ARG A 80 20.29 40.61 1.97
C ARG A 80 19.29 40.69 3.11
N PRO A 81 18.73 39.54 3.56
CA PRO A 81 17.89 39.50 4.75
C PRO A 81 18.62 40.02 5.99
N THR A 82 17.92 40.80 6.82
CA THR A 82 18.46 41.32 8.05
C THR A 82 18.44 40.24 9.13
N LEU A 83 19.03 40.54 10.30
CA LEU A 83 19.06 39.61 11.41
C LEU A 83 17.64 39.30 11.88
N GLU A 84 16.78 40.33 11.94
CA GLU A 84 15.43 40.21 12.46
C GLU A 84 14.56 39.39 11.52
N GLU A 85 14.78 39.54 10.21
CA GLU A 85 14.02 38.82 9.20
C GLU A 85 14.43 37.34 9.21
N LEU A 86 15.69 37.07 9.56
CA LEU A 86 16.19 35.71 9.67
C LEU A 86 15.64 35.03 10.91
N GLU A 87 15.43 35.80 11.99
CA GLU A 87 14.83 35.29 13.21
C GLU A 87 13.37 34.90 12.95
N THR A 88 12.67 35.73 12.16
CA THR A 88 11.29 35.49 11.79
C THR A 88 11.17 34.16 11.04
N LEU A 89 12.15 33.86 10.19
CA LEU A 89 12.15 32.64 9.38
C LEU A 89 12.52 31.45 10.26
N HIS A 90 13.41 31.68 11.23
CA HIS A 90 13.84 30.66 12.18
C HIS A 90 12.64 30.21 13.03
N LYS A 91 11.83 31.19 13.45
CA LYS A 91 10.65 30.95 14.26
C LYS A 91 9.56 30.25 13.42
N TYR A 92 9.51 30.57 12.12
CA TYR A 92 8.51 30.03 11.22
C TYR A 92 8.69 28.54 11.04
N PHE A 93 9.95 28.08 10.98
CA PHE A 93 10.27 26.66 10.82
C PHE A 93 10.50 26.00 12.17
N GLN A 94 10.55 26.80 13.26
CA GLN A 94 10.70 26.27 14.61
C GLN A 94 11.95 25.41 14.70
N LEU A 95 13.09 25.98 14.28
CA LEU A 95 14.34 25.23 14.17
C LEU A 95 15.01 25.06 15.52
N ASP A 96 14.50 25.74 16.57
CA ASP A 96 14.94 25.52 17.93
C ASP A 96 14.66 24.07 18.34
N VAL A 97 13.53 23.52 17.89
CA VAL A 97 13.14 22.17 18.24
C VAL A 97 13.89 21.20 17.32
N SER A 98 14.61 20.26 17.94
CA SER A 98 15.33 19.22 17.21
C SER A 98 14.34 18.18 16.71
N LEU A 99 14.27 18.03 15.38
CA LEU A 99 13.38 17.07 14.74
C LEU A 99 14.04 15.70 14.69
N ALA A 100 15.38 15.67 14.65
CA ALA A 100 16.14 14.43 14.65
C ALA A 100 15.86 13.63 15.92
N GLN A 101 15.82 14.32 17.07
CA GLN A 101 15.58 13.69 18.36
C GLN A 101 14.12 13.26 18.48
N LEU A 102 13.21 14.03 17.88
CA LEU A 102 11.79 13.69 17.88
C LEU A 102 11.56 12.43 17.06
N TYR A 103 12.18 12.37 15.87
CA TYR A 103 12.04 11.23 14.98
C TYR A 103 12.46 9.94 15.69
N SER A 104 13.60 9.97 16.39
CA SER A 104 14.11 8.80 17.09
C SER A 104 13.19 8.43 18.25
N HIS A 105 12.64 9.45 18.93
CA HIS A 105 11.76 9.23 20.06
C HIS A 105 10.46 8.54 19.61
N TRP A 106 9.85 9.05 18.53
CA TRP A 106 8.62 8.48 18.00
C TRP A 106 8.86 7.06 17.49
N ALA A 107 10.04 6.84 16.90
CA ALA A 107 10.36 5.58 16.25
C ALA A 107 10.52 4.44 17.25
N SER A 108 10.90 4.78 18.50
CA SER A 108 11.17 3.79 19.53
C SER A 108 9.91 3.01 19.92
N VAL A 109 8.73 3.64 19.76
CA VAL A 109 7.48 3.03 20.18
C VAL A 109 6.56 2.81 18.98
N ASP A 110 7.12 2.92 17.75
CA ASP A 110 6.32 2.84 16.54
C ASP A 110 7.19 2.34 15.40
N SER A 111 6.99 1.07 15.01
CA SER A 111 7.78 0.43 13.97
C SER A 111 7.38 0.95 12.60
N HIS A 112 6.09 1.27 12.41
CA HIS A 112 5.60 1.80 11.14
C HIS A 112 6.23 3.15 10.85
N PHE A 113 6.33 4.00 11.88
CA PHE A 113 6.94 5.32 11.72
C PHE A 113 8.41 5.18 11.33
N GLN A 114 9.07 4.14 11.87
CA GLN A 114 10.48 3.89 11.63
C GLN A 114 10.73 3.73 10.12
N ARG A 115 9.87 2.96 9.44
CA ARG A 115 10.01 2.69 8.02
C ARG A 115 9.80 3.96 7.20
N VAL A 116 8.78 4.73 7.56
CA VAL A 116 8.41 5.95 6.84
C VAL A 116 9.47 7.03 7.07
N ALA A 117 10.06 7.03 8.28
CA ALA A 117 11.05 8.02 8.67
C ALA A 117 12.33 7.91 7.84
N GLN A 118 12.57 6.71 7.28
CA GLN A 118 13.74 6.48 6.44
C GLN A 118 13.75 7.44 5.27
N LYS A 119 12.65 7.45 4.50
CA LYS A 119 12.54 8.23 3.28
C LYS A 119 12.21 9.69 3.62
N PHE A 120 11.18 9.88 4.44
CA PHE A 120 10.58 11.19 4.65
C PHE A 120 11.16 11.85 5.90
N GLN A 121 12.39 12.35 5.78
CA GLN A 121 13.04 13.13 6.82
C GLN A 121 12.77 14.62 6.60
N GLY A 122 12.85 15.40 7.68
CA GLY A 122 12.79 16.85 7.62
C GLY A 122 11.37 17.38 7.41
N VAL A 123 10.37 16.55 7.73
CA VAL A 123 8.98 17.01 7.73
C VAL A 123 8.68 17.60 9.10
N ARG A 124 8.63 18.93 9.18
CA ARG A 124 8.37 19.62 10.43
C ARG A 124 7.14 20.51 10.29
N LEU A 125 6.66 21.03 11.43
CA LEU A 125 5.48 21.87 11.49
C LEU A 125 5.88 23.33 11.38
N LEU A 126 5.18 24.05 10.48
CA LEU A 126 5.33 25.48 10.35
C LEU A 126 4.59 26.16 11.50
N ARG A 127 5.11 27.30 11.95
CA ARG A 127 4.44 28.14 12.93
C ARG A 127 3.77 29.29 12.18
N GLN A 128 2.47 29.13 11.91
CA GLN A 128 1.74 30.02 11.03
C GLN A 128 1.02 31.10 11.82
N ASP A 129 0.67 32.19 11.11
CA ASP A 129 -0.19 33.23 11.66
C ASP A 129 -1.57 32.63 11.91
N PRO A 130 -2.19 32.87 13.09
CA PRO A 130 -3.52 32.31 13.39
C PRO A 130 -4.61 32.65 12.38
N THR A 131 -4.74 33.94 12.04
CA THR A 131 -5.78 34.41 11.13
C THR A 131 -5.66 33.70 9.78
N GLU A 132 -4.45 33.71 9.22
CA GLU A 132 -4.17 33.08 7.94
C GLU A 132 -4.55 31.60 7.99
N CYS A 133 -4.12 30.93 9.06
CA CYS A 133 -4.38 29.52 9.25
C CYS A 133 -5.88 29.26 9.38
N LEU A 134 -6.56 30.10 10.16
CA LEU A 134 -7.97 29.93 10.45
C LEU A 134 -8.78 29.88 9.16
N PHE A 135 -8.67 30.93 8.34
CA PHE A 135 -9.53 31.11 7.18
C PHE A 135 -9.11 30.19 6.04
N SER A 136 -7.82 29.89 5.95
CA SER A 136 -7.33 28.92 4.98
C SER A 136 -8.01 27.56 5.19
N PHE A 137 -8.12 27.14 6.45
CA PHE A 137 -8.62 25.81 6.77
C PHE A 137 -10.15 25.78 6.80
N ILE A 138 -10.80 26.95 6.85
CA ILE A 138 -12.23 27.04 6.61
C ILE A 138 -12.52 26.71 5.14
N CYS A 139 -11.56 27.01 4.26
CA CYS A 139 -11.71 26.74 2.83
C CYS A 139 -11.38 25.29 2.48
N SER A 140 -10.94 24.49 3.46
CA SER A 140 -10.35 23.19 3.21
C SER A 140 -11.41 22.09 3.18
N SER A 141 -12.64 22.39 3.64
CA SER A 141 -13.69 21.39 3.70
C SER A 141 -14.07 20.94 2.28
N ASN A 142 -14.14 19.61 2.09
CA ASN A 142 -14.55 19.00 0.83
C ASN A 142 -13.79 19.64 -0.33
N ASN A 143 -12.46 19.58 -0.27
CA ASN A 143 -11.62 20.34 -1.17
C ASN A 143 -10.33 19.55 -1.42
N ASN A 144 -9.37 20.16 -2.13
CA ASN A 144 -8.06 19.56 -2.32
C ASN A 144 -7.02 20.68 -2.32
N ILE A 145 -5.76 20.30 -2.06
CA ILE A 145 -4.68 21.27 -1.84
C ILE A 145 -4.57 22.22 -3.03
N ALA A 146 -4.74 21.69 -4.25
CA ALA A 146 -4.61 22.48 -5.46
C ALA A 146 -5.71 23.54 -5.54
N ARG A 147 -6.94 23.14 -5.22
CA ARG A 147 -8.10 24.01 -5.34
C ARG A 147 -8.14 25.01 -4.17
N ILE A 148 -7.72 24.56 -2.98
CA ILE A 148 -7.63 25.42 -1.81
C ILE A 148 -6.64 26.55 -2.11
N THR A 149 -5.50 26.19 -2.70
CA THR A 149 -4.43 27.13 -3.00
C THR A 149 -4.94 28.24 -3.93
N GLY A 150 -5.81 27.86 -4.88
CA GLY A 150 -6.44 28.82 -5.77
C GLY A 150 -7.37 29.78 -5.02
N MET A 151 -8.20 29.22 -4.14
CA MET A 151 -9.17 29.99 -3.38
C MET A 151 -8.47 31.05 -2.53
N VAL A 152 -7.42 30.62 -1.81
CA VAL A 152 -6.70 31.47 -0.88
C VAL A 152 -6.00 32.59 -1.65
N GLU A 153 -5.38 32.23 -2.78
CA GLU A 153 -4.70 33.17 -3.65
C GLU A 153 -5.65 34.28 -4.08
N ARG A 154 -6.84 33.90 -4.56
CA ARG A 154 -7.82 34.85 -5.08
C ARG A 154 -8.35 35.72 -3.94
N LEU A 155 -8.57 35.09 -2.76
CA LEU A 155 -9.07 35.78 -1.59
C LEU A 155 -8.10 36.88 -1.16
N CYS A 156 -6.79 36.60 -1.25
CA CYS A 156 -5.77 37.56 -0.85
C CYS A 156 -5.67 38.72 -1.85
N GLN A 157 -5.87 38.43 -3.13
CA GLN A 157 -5.79 39.47 -4.16
C GLN A 157 -6.96 40.44 -4.03
N ALA A 158 -8.15 39.90 -3.72
CA ALA A 158 -9.37 40.68 -3.68
C ALA A 158 -9.48 41.51 -2.41
N PHE A 159 -8.94 40.99 -1.30
CA PHE A 159 -9.18 41.57 0.02
C PHE A 159 -7.90 42.05 0.69
N GLY A 160 -6.74 41.55 0.25
CA GLY A 160 -5.48 41.83 0.92
C GLY A 160 -4.67 42.91 0.20
N PRO A 161 -3.67 43.53 0.89
CA PRO A 161 -2.84 44.57 0.28
C PRO A 161 -1.77 43.99 -0.64
N ARG A 162 -1.48 44.69 -1.75
CA ARG A 162 -0.48 44.24 -2.71
C ARG A 162 0.91 44.48 -2.12
N LEU A 163 1.82 43.54 -2.38
CA LEU A 163 3.18 43.60 -1.87
C LEU A 163 4.15 43.92 -3.01
N ILE A 164 4.16 43.06 -4.04
CA ILE A 164 5.10 43.16 -5.15
C ILE A 164 4.65 42.22 -6.26
N GLN A 165 5.17 42.44 -7.47
CA GLN A 165 4.99 41.52 -8.59
C GLN A 165 6.34 40.95 -9.00
N LEU A 166 6.38 39.62 -9.22
CA LEU A 166 7.55 38.93 -9.71
C LEU A 166 7.14 38.08 -10.90
N ASP A 167 7.74 38.36 -12.06
CA ASP A 167 7.31 37.78 -13.34
C ASP A 167 5.83 38.11 -13.51
N ASP A 168 4.99 37.08 -13.71
CA ASP A 168 3.56 37.27 -13.94
C ASP A 168 2.77 36.80 -12.70
N VAL A 169 3.39 36.95 -11.52
CA VAL A 169 2.76 36.58 -10.26
C VAL A 169 2.74 37.81 -9.35
N THR A 170 1.54 38.21 -8.94
CA THR A 170 1.36 39.34 -8.03
C THR A 170 1.08 38.79 -6.63
N TYR A 171 1.84 39.27 -5.64
CA TYR A 171 1.77 38.78 -4.27
C TYR A 171 0.96 39.77 -3.43
N HIS A 172 0.08 39.21 -2.58
CA HIS A 172 -0.72 39.99 -1.65
C HIS A 172 -0.56 39.43 -0.25
N GLY A 173 -0.54 40.33 0.75
CA GLY A 173 -0.59 39.92 2.14
C GLY A 173 -1.98 39.43 2.51
N PHE A 174 -2.09 38.69 3.61
CA PHE A 174 -3.37 38.14 4.04
C PHE A 174 -4.24 39.28 4.58
N PRO A 175 -5.55 39.32 4.27
CA PRO A 175 -6.41 40.41 4.74
C PRO A 175 -6.70 40.36 6.24
N ASN A 176 -6.99 41.55 6.81
CA ASN A 176 -7.43 41.66 8.19
C ASN A 176 -8.89 41.23 8.30
N LEU A 177 -9.34 41.04 9.54
CA LEU A 177 -10.67 40.53 9.82
C LEU A 177 -11.74 41.49 9.34
N HIS A 178 -11.49 42.81 9.51
CA HIS A 178 -12.43 43.84 9.12
C HIS A 178 -12.82 43.70 7.65
N ALA A 179 -11.83 43.40 6.80
CA ALA A 179 -12.02 43.34 5.35
C ALA A 179 -12.95 42.19 4.97
N LEU A 180 -12.88 41.07 5.71
CA LEU A 180 -13.64 39.86 5.39
C LEU A 180 -15.01 39.89 6.06
N ALA A 181 -15.29 40.92 6.87
CA ALA A 181 -16.51 40.99 7.66
C ALA A 181 -17.52 41.96 7.05
N GLY A 182 -17.17 42.57 5.91
CA GLY A 182 -18.01 43.58 5.29
C GLY A 182 -19.30 42.99 4.73
N PRO A 183 -20.30 43.85 4.38
CA PRO A 183 -21.60 43.36 3.90
C PRO A 183 -21.57 42.67 2.53
N GLU A 184 -20.53 42.95 1.73
CA GLU A 184 -20.43 42.42 0.38
C GLU A 184 -19.42 41.28 0.30
N ALA A 185 -18.83 40.90 1.45
CA ALA A 185 -17.71 39.97 1.48
C ALA A 185 -18.15 38.58 1.02
N GLU A 186 -19.33 38.12 1.46
CA GLU A 186 -19.81 36.79 1.13
C GLU A 186 -20.06 36.68 -0.37
N THR A 187 -20.76 37.68 -0.93
CA THR A 187 -21.14 37.68 -2.33
C THR A 187 -19.89 37.66 -3.21
N HIS A 188 -18.88 38.46 -2.84
CA HIS A 188 -17.63 38.53 -3.57
C HIS A 188 -16.91 37.18 -3.49
N LEU A 189 -16.88 36.58 -2.30
CA LEU A 189 -16.17 35.33 -2.09
C LEU A 189 -16.83 34.19 -2.89
N ARG A 190 -18.15 34.25 -3.05
CA ARG A 190 -18.86 33.29 -3.88
C ARG A 190 -18.48 33.47 -5.35
N LYS A 191 -18.30 34.74 -5.76
CA LYS A 191 -17.85 35.08 -7.10
C LYS A 191 -16.45 34.51 -7.34
N LEU A 192 -15.64 34.42 -6.28
CA LEU A 192 -14.28 33.90 -6.36
C LEU A 192 -14.25 32.37 -6.25
N GLY A 193 -15.42 31.75 -6.00
CA GLY A 193 -15.60 30.32 -6.17
C GLY A 193 -15.48 29.52 -4.87
N LEU A 194 -15.68 30.17 -3.72
CA LEU A 194 -15.56 29.50 -2.43
C LEU A 194 -16.84 28.73 -2.10
N GLY A 195 -17.97 29.15 -2.69
CA GLY A 195 -19.24 28.47 -2.48
C GLY A 195 -19.78 28.73 -1.08
N TYR A 196 -20.14 27.64 -0.38
CA TYR A 196 -20.74 27.71 0.95
C TYR A 196 -19.73 28.22 1.98
N ARG A 197 -18.43 28.08 1.65
CA ARG A 197 -17.35 28.42 2.56
C ARG A 197 -17.26 29.95 2.71
N ALA A 198 -17.76 30.67 1.69
CA ALA A 198 -17.79 32.13 1.71
C ALA A 198 -18.59 32.64 2.91
N ARG A 199 -19.66 31.93 3.28
CA ARG A 199 -20.51 32.30 4.40
C ARG A 199 -19.73 32.15 5.72
N TYR A 200 -18.96 31.06 5.85
CA TYR A 200 -18.23 30.78 7.07
C TYR A 200 -17.08 31.76 7.26
N VAL A 201 -16.44 32.14 6.14
CA VAL A 201 -15.33 33.08 6.16
C VAL A 201 -15.83 34.43 6.69
N ARG A 202 -16.94 34.91 6.13
CA ARG A 202 -17.50 36.20 6.52
C ARG A 202 -18.00 36.12 7.96
N ALA A 203 -18.70 35.03 8.29
CA ALA A 203 -19.36 34.88 9.58
C ALA A 203 -18.34 34.74 10.71
N SER A 204 -17.23 34.03 10.44
CA SER A 204 -16.18 33.86 11.43
C SER A 204 -15.40 35.16 11.62
N ALA A 205 -15.26 35.94 10.55
CA ALA A 205 -14.65 37.27 10.63
C ALA A 205 -15.45 38.14 11.60
N LYS A 206 -16.77 38.21 11.40
CA LYS A 206 -17.64 39.04 12.22
C LYS A 206 -17.65 38.53 13.67
N ALA A 207 -17.62 37.21 13.84
CA ALA A 207 -17.67 36.60 15.16
C ALA A 207 -16.43 36.98 15.97
N ILE A 208 -15.25 36.89 15.35
CA ILE A 208 -14.01 37.19 16.04
C ILE A 208 -13.97 38.67 16.43
N LEU A 209 -14.41 39.56 15.53
CA LEU A 209 -14.48 40.98 15.84
C LEU A 209 -15.45 41.22 17.01
N GLU A 210 -16.72 40.86 16.79
CA GLU A 210 -17.81 41.31 17.64
C GLU A 210 -17.85 40.52 18.95
N GLU A 211 -17.71 39.19 18.85
CA GLU A 211 -17.95 38.30 19.99
C GLU A 211 -16.67 38.05 20.79
N GLN A 212 -15.50 38.17 20.14
CA GLN A 212 -14.25 37.76 20.75
C GLN A 212 -13.24 38.91 20.83
N GLY A 213 -13.48 40.00 20.09
CA GLY A 213 -12.76 41.25 20.30
C GLY A 213 -11.48 41.35 19.48
N GLY A 214 -11.51 40.83 18.24
CA GLY A 214 -10.43 41.04 17.28
C GLY A 214 -9.35 39.96 17.38
N PRO A 215 -8.20 40.15 16.67
CA PRO A 215 -7.17 39.11 16.57
C PRO A 215 -6.32 38.92 17.83
N ALA A 216 -6.46 39.82 18.81
CA ALA A 216 -5.85 39.64 20.12
C ALA A 216 -6.35 38.34 20.75
N TRP A 217 -7.60 37.97 20.44
CA TRP A 217 -8.21 36.75 20.92
C TRP A 217 -7.40 35.52 20.51
N LEU A 218 -6.97 35.48 19.24
CA LEU A 218 -6.23 34.35 18.71
C LEU A 218 -4.86 34.24 19.39
N GLN A 219 -4.31 35.38 19.83
CA GLN A 219 -3.06 35.41 20.58
C GLN A 219 -3.29 34.88 21.99
N GLN A 220 -4.45 35.16 22.58
CA GLN A 220 -4.81 34.63 23.89
C GLN A 220 -4.89 33.11 23.84
N LEU A 221 -5.48 32.57 22.76
CA LEU A 221 -5.63 31.14 22.57
C LEU A 221 -4.26 30.47 22.40
N ARG A 222 -3.27 31.27 21.97
CA ARG A 222 -1.92 30.78 21.75
C ARG A 222 -1.26 30.43 23.09
N VAL A 223 -1.62 31.15 24.16
CA VAL A 223 -1.04 30.94 25.48
C VAL A 223 -2.02 30.15 26.37
N ALA A 224 -3.28 30.01 25.94
CA ALA A 224 -4.25 29.22 26.67
C ALA A 224 -3.96 27.74 26.47
N PRO A 225 -4.48 26.83 27.34
CA PRO A 225 -4.31 25.39 27.13
C PRO A 225 -5.03 24.90 25.87
N TYR A 226 -4.48 23.82 25.30
CA TYR A 226 -4.95 23.24 24.04
C TYR A 226 -6.47 23.03 24.07
N GLU A 227 -6.97 22.45 25.17
CA GLU A 227 -8.36 22.04 25.25
C GLU A 227 -9.27 23.27 25.36
N GLU A 228 -8.76 24.33 26.00
CA GLU A 228 -9.48 25.59 26.09
C GLU A 228 -9.56 26.24 24.71
N ALA A 229 -8.42 26.26 23.99
CA ALA A 229 -8.33 26.89 22.68
C ALA A 229 -9.22 26.15 21.68
N HIS A 230 -9.21 24.82 21.75
CA HIS A 230 -9.95 23.99 20.81
C HIS A 230 -11.45 24.27 20.92
N LYS A 231 -11.96 24.28 22.16
CA LYS A 231 -13.38 24.52 22.42
C LYS A 231 -13.78 25.90 21.90
N ALA A 232 -12.91 26.90 22.11
CA ALA A 232 -13.21 28.27 21.74
C ALA A 232 -13.32 28.41 20.23
N LEU A 233 -12.45 27.72 19.49
CA LEU A 233 -12.45 27.74 18.03
C LEU A 233 -13.74 27.11 17.49
N CYS A 234 -14.25 26.09 18.17
CA CYS A 234 -15.40 25.32 17.69
C CYS A 234 -16.70 26.12 17.82
N THR A 235 -16.66 27.31 18.42
CA THR A 235 -17.82 28.19 18.48
C THR A 235 -17.96 28.98 17.18
N LEU A 236 -16.89 29.03 16.38
CA LEU A 236 -16.89 29.81 15.14
C LEU A 236 -17.63 29.05 14.03
N PRO A 237 -18.36 29.77 13.15
CA PRO A 237 -18.97 29.15 11.96
C PRO A 237 -17.97 28.50 11.01
N GLY A 238 -18.22 27.24 10.67
CA GLY A 238 -17.39 26.50 9.72
C GLY A 238 -16.17 25.87 10.38
N VAL A 239 -16.02 26.06 11.69
CA VAL A 239 -14.87 25.53 12.43
C VAL A 239 -15.35 24.42 13.36
N GLY A 240 -15.02 23.17 13.02
CA GLY A 240 -15.25 22.03 13.88
C GLY A 240 -13.94 21.46 14.42
N ALA A 241 -13.98 20.22 14.90
CA ALA A 241 -12.88 19.60 15.64
C ALA A 241 -11.66 19.45 14.74
N LYS A 242 -11.88 19.04 13.48
CA LYS A 242 -10.80 18.86 12.53
C LYS A 242 -10.09 20.19 12.29
N VAL A 243 -10.86 21.23 11.92
CA VAL A 243 -10.29 22.54 11.59
C VAL A 243 -9.67 23.15 12.84
N ALA A 244 -10.32 22.98 14.00
CA ALA A 244 -9.84 23.52 15.26
C ALA A 244 -8.48 22.93 15.61
N ASP A 245 -8.34 21.62 15.41
CA ASP A 245 -7.10 20.91 15.71
C ASP A 245 -5.97 21.37 14.79
N CYS A 246 -6.30 21.60 13.51
CA CYS A 246 -5.32 22.08 12.56
C CYS A 246 -4.76 23.43 13.01
N ILE A 247 -5.65 24.33 13.42
CA ILE A 247 -5.27 25.67 13.84
C ILE A 247 -4.44 25.58 15.12
N CYS A 248 -4.84 24.68 16.03
CA CYS A 248 -4.13 24.46 17.27
C CYS A 248 -2.69 24.00 16.99
N LEU A 249 -2.55 23.03 16.08
CA LEU A 249 -1.27 22.41 15.78
C LEU A 249 -0.36 23.38 15.03
N MET A 250 -0.95 24.14 14.09
CA MET A 250 -0.17 24.84 13.08
C MET A 250 0.00 26.32 13.42
N ALA A 251 -0.82 26.84 14.35
CA ALA A 251 -0.84 28.28 14.61
C ALA A 251 -0.77 28.61 16.10
N LEU A 252 -1.37 27.79 16.97
CA LEU A 252 -1.54 28.15 18.36
C LEU A 252 -0.57 27.39 19.27
N ASP A 253 0.48 26.78 18.67
CA ASP A 253 1.53 26.12 19.42
C ASP A 253 0.97 25.05 20.35
N LYS A 254 0.11 24.18 19.81
CA LYS A 254 -0.36 23.00 20.52
C LYS A 254 0.18 21.76 19.81
N PRO A 255 1.42 21.30 20.12
CA PRO A 255 2.03 20.20 19.39
C PRO A 255 1.33 18.85 19.56
N GLN A 256 0.47 18.74 20.58
CA GLN A 256 -0.22 17.50 20.89
C GLN A 256 -1.55 17.41 20.13
N ALA A 257 -1.93 18.50 19.45
CA ALA A 257 -3.14 18.52 18.65
C ALA A 257 -2.96 17.57 17.45
N VAL A 258 -3.93 16.66 17.27
CA VAL A 258 -3.87 15.66 16.21
C VAL A 258 -5.13 15.79 15.36
N PRO A 259 -5.07 16.53 14.23
CA PRO A 259 -6.22 16.62 13.31
C PRO A 259 -6.63 15.25 12.78
N VAL A 260 -7.91 14.91 12.94
CA VAL A 260 -8.45 13.66 12.44
C VAL A 260 -9.49 13.97 11.37
N ASP A 261 -9.10 13.71 10.11
CA ASP A 261 -10.01 13.76 8.97
C ASP A 261 -10.03 12.36 8.34
N VAL A 262 -10.52 12.28 7.09
CA VAL A 262 -10.64 11.03 6.37
C VAL A 262 -9.26 10.44 6.09
N HIS A 263 -8.25 11.30 5.94
CA HIS A 263 -6.90 10.86 5.56
C HIS A 263 -6.23 10.09 6.70
N VAL A 264 -6.27 10.63 7.93
CA VAL A 264 -5.54 10.02 9.04
C VAL A 264 -6.35 8.83 9.57
N TRP A 265 -7.67 8.88 9.39
CA TRP A 265 -8.52 7.75 9.71
C TRP A 265 -8.14 6.54 8.84
N GLN A 266 -7.79 6.84 7.58
CA GLN A 266 -7.34 5.81 6.64
C GLN A 266 -5.98 5.27 7.09
N ILE A 267 -5.06 6.18 7.43
CA ILE A 267 -3.72 5.81 7.86
C ILE A 267 -3.80 4.96 9.12
N ALA A 268 -4.60 5.40 10.10
CA ALA A 268 -4.77 4.69 11.36
C ALA A 268 -5.22 3.26 11.11
N HIS A 269 -6.21 3.09 10.22
CA HIS A 269 -6.83 1.80 10.00
C HIS A 269 -5.89 0.88 9.21
N ARG A 270 -5.34 1.41 8.11
CA ARG A 270 -4.55 0.60 7.19
C ARG A 270 -3.19 0.25 7.81
N ASP A 271 -2.53 1.25 8.39
CA ASP A 271 -1.12 1.15 8.74
C ASP A 271 -0.94 0.76 10.22
N TYR A 272 -1.94 1.03 11.06
CA TYR A 272 -1.86 0.71 12.48
C TYR A 272 -2.89 -0.33 12.90
N GLY A 273 -3.87 -0.62 12.02
CA GLY A 273 -4.88 -1.62 12.31
C GLY A 273 -5.84 -1.19 13.42
N TRP A 274 -6.00 0.14 13.59
CA TRP A 274 -6.80 0.69 14.67
C TRP A 274 -8.28 0.66 14.30
N HIS A 275 -9.11 0.33 15.29
CA HIS A 275 -10.56 0.48 15.20
C HIS A 275 -11.06 1.09 16.50
N PRO A 276 -12.18 1.85 16.48
CA PRO A 276 -12.74 2.41 17.71
C PRO A 276 -13.22 1.31 18.65
N LYS A 277 -12.62 1.25 19.84
CA LYS A 277 -12.92 0.23 20.84
C LYS A 277 -13.94 0.76 21.83
N THR A 278 -13.64 1.93 22.42
CA THR A 278 -14.49 2.56 23.42
C THR A 278 -15.85 2.89 22.80
N SER A 279 -15.83 3.39 21.55
CA SER A 279 -17.04 3.70 20.80
C SER A 279 -17.60 2.42 20.17
N GLN A 280 -18.91 2.39 19.98
CA GLN A 280 -19.62 1.22 19.48
C GLN A 280 -19.61 1.21 17.96
N ALA A 281 -19.89 2.37 17.35
CA ALA A 281 -20.00 2.50 15.91
C ALA A 281 -18.67 2.17 15.23
N LYS A 282 -18.76 1.56 14.05
CA LYS A 282 -17.59 1.10 13.31
C LYS A 282 -16.96 2.26 12.54
N GLY A 283 -17.80 3.00 11.80
CA GLY A 283 -17.33 4.06 10.92
C GLY A 283 -16.95 5.32 11.68
N PRO A 284 -16.60 6.42 10.97
CA PRO A 284 -16.25 7.69 11.61
C PRO A 284 -17.40 8.33 12.38
N SER A 285 -17.04 9.07 13.43
CA SER A 285 -18.00 9.87 14.19
C SER A 285 -17.23 10.91 15.01
N PRO A 286 -17.89 11.97 15.53
CA PRO A 286 -17.25 12.92 16.44
C PRO A 286 -16.55 12.23 17.61
N LEU A 287 -17.20 11.21 18.19
CA LEU A 287 -16.70 10.49 19.34
C LEU A 287 -15.51 9.61 18.95
N ALA A 288 -15.60 8.96 17.79
CA ALA A 288 -14.57 8.04 17.31
C ALA A 288 -13.34 8.81 16.84
N ASN A 289 -13.54 9.98 16.24
CA ASN A 289 -12.45 10.84 15.80
C ASN A 289 -11.65 11.32 17.00
N LYS A 290 -12.36 11.69 18.07
CA LYS A 290 -11.73 12.14 19.30
C LYS A 290 -10.92 11.00 19.91
N GLU A 291 -11.46 9.77 19.85
CA GLU A 291 -10.81 8.60 20.39
C GLU A 291 -9.48 8.36 19.67
N LEU A 292 -9.48 8.56 18.34
CA LEU A 292 -8.31 8.30 17.53
C LEU A 292 -7.21 9.31 17.84
N GLY A 293 -7.60 10.57 18.08
CA GLY A 293 -6.66 11.60 18.50
C GLY A 293 -5.96 11.24 19.81
N ASN A 294 -6.76 10.73 20.76
CA ASN A 294 -6.25 10.28 22.05
C ASN A 294 -5.29 9.10 21.87
N PHE A 295 -5.59 8.22 20.91
CA PHE A 295 -4.76 7.06 20.63
C PHE A 295 -3.35 7.51 20.23
N PHE A 296 -3.26 8.52 19.36
CA PHE A 296 -1.99 8.95 18.80
C PHE A 296 -1.19 9.76 19.82
N ARG A 297 -1.89 10.50 20.69
CA ARG A 297 -1.23 11.22 21.77
C ARG A 297 -0.61 10.23 22.75
N ASN A 298 -1.36 9.18 23.07
CA ASN A 298 -0.90 8.14 23.98
C ASN A 298 0.34 7.46 23.40
N LEU A 299 0.33 7.22 22.08
CA LEU A 299 1.40 6.50 21.41
C LEU A 299 2.64 7.39 21.28
N TRP A 300 2.46 8.61 20.79
CA TRP A 300 3.58 9.46 20.38
C TRP A 300 3.98 10.44 21.49
N GLY A 301 3.02 10.89 22.29
CA GLY A 301 3.30 11.79 23.40
C GLY A 301 2.95 13.24 23.08
N PRO A 302 3.63 14.23 23.70
CA PRO A 302 3.23 15.64 23.61
C PRO A 302 3.50 16.35 22.28
N TYR A 303 4.26 15.72 21.38
CA TYR A 303 4.45 16.24 20.03
C TYR A 303 3.79 15.31 19.01
N ALA A 304 2.62 14.78 19.36
CA ALA A 304 1.92 13.80 18.54
C ALA A 304 1.48 14.40 17.21
N GLY A 305 1.13 15.69 17.22
CA GLY A 305 0.71 16.39 16.02
C GLY A 305 1.82 16.51 14.99
N TRP A 306 3.07 16.57 15.47
CA TRP A 306 4.24 16.68 14.60
C TRP A 306 4.51 15.34 13.92
N ALA A 307 4.30 14.25 14.65
CA ALA A 307 4.45 12.90 14.12
C ALA A 307 3.36 12.63 13.08
N GLN A 308 2.16 13.19 13.32
CA GLN A 308 1.03 13.03 12.43
C GLN A 308 1.34 13.67 11.08
N ALA A 309 2.02 14.83 11.12
CA ALA A 309 2.33 15.59 9.92
C ALA A 309 3.33 14.85 9.04
N VAL A 310 4.20 14.05 9.67
CA VAL A 310 5.18 13.27 8.93
C VAL A 310 4.44 12.21 8.10
N LEU A 311 3.46 11.56 8.71
CA LEU A 311 2.70 10.50 8.05
C LEU A 311 1.76 11.11 7.00
N PHE A 312 1.13 12.25 7.34
CA PHE A 312 0.23 12.92 6.43
C PHE A 312 0.96 13.33 5.16
N SER A 313 2.17 13.90 5.34
CA SER A 313 2.99 14.35 4.23
C SER A 313 3.46 13.17 3.38
N ALA A 314 3.79 12.04 4.05
CA ALA A 314 4.24 10.84 3.37
C ALA A 314 3.10 10.18 2.62
N ASP A 315 1.87 10.35 3.12
CA ASP A 315 0.69 9.71 2.54
C ASP A 315 0.24 10.45 1.29
N LEU A 316 0.61 11.74 1.18
CA LEU A 316 0.31 12.53 -0.02
C LEU A 316 1.12 12.02 -1.21
N ARG A 317 2.36 11.59 -0.95
CA ARG A 317 3.25 11.10 -2.00
C ARG A 317 2.97 9.62 -2.27
N GLN A 318 1.74 9.33 -2.73
CA GLN A 318 1.31 7.98 -3.05
C GLN A 318 1.70 7.01 -1.92
N HIS B 3 47.87 -12.32 10.36
CA HIS B 3 46.68 -13.20 10.38
C HIS B 3 45.98 -13.16 9.02
N MET B 4 45.01 -14.04 8.83
CA MET B 4 44.38 -14.30 7.53
C MET B 4 43.45 -13.14 7.16
N ARG B 5 43.00 -13.17 5.89
CA ARG B 5 42.17 -12.13 5.31
C ARG B 5 40.83 -12.75 4.90
N HIS B 6 39.82 -11.89 4.71
CA HIS B 6 38.52 -12.34 4.21
C HIS B 6 38.67 -12.76 2.75
N ARG B 7 38.18 -13.96 2.43
CA ARG B 7 38.37 -14.55 1.12
C ARG B 7 37.27 -14.09 0.17
N THR B 8 37.68 -13.60 -1.00
CA THR B 8 36.78 -13.40 -2.12
C THR B 8 36.98 -14.55 -3.10
N LEU B 9 36.12 -14.63 -4.13
CA LEU B 9 36.21 -15.64 -5.16
C LEU B 9 37.33 -15.28 -6.13
N SER B 10 37.61 -13.97 -6.26
CA SER B 10 38.61 -13.47 -7.19
C SER B 10 40.03 -13.67 -6.65
N SER B 11 40.23 -13.37 -5.36
CA SER B 11 41.56 -13.31 -4.77
C SER B 11 42.16 -14.70 -4.62
N SER B 12 41.35 -15.66 -4.16
CA SER B 12 41.82 -17.02 -3.92
C SER B 12 40.74 -18.03 -4.31
N PRO B 13 40.47 -18.24 -5.62
CA PRO B 13 39.40 -19.13 -6.06
C PRO B 13 39.67 -20.62 -5.81
N ALA B 14 40.93 -20.97 -5.53
CA ALA B 14 41.32 -22.35 -5.28
C ALA B 14 40.54 -22.92 -4.09
N LEU B 15 40.63 -22.24 -2.94
CA LEU B 15 40.15 -22.78 -1.68
C LEU B 15 38.66 -22.50 -1.48
N TRP B 16 37.83 -23.04 -2.39
CA TRP B 16 36.38 -22.96 -2.28
C TRP B 16 35.77 -24.31 -2.61
N ALA B 17 34.49 -24.48 -2.27
CA ALA B 17 33.72 -25.67 -2.60
C ALA B 17 32.38 -25.26 -3.19
N SER B 18 31.53 -26.25 -3.52
CA SER B 18 30.23 -25.98 -4.11
C SER B 18 29.23 -27.09 -3.78
N ILE B 19 27.95 -26.69 -3.67
CA ILE B 19 26.85 -27.61 -3.44
C ILE B 19 25.78 -27.34 -4.50
N PRO B 20 25.13 -28.38 -5.08
CA PRO B 20 24.06 -28.17 -6.06
C PRO B 20 22.80 -27.57 -5.43
N CYS B 21 22.57 -26.28 -5.68
CA CYS B 21 21.42 -25.57 -5.13
C CYS B 21 21.20 -24.28 -5.91
N PRO B 22 20.10 -24.16 -6.70
CA PRO B 22 19.86 -22.96 -7.52
C PRO B 22 19.44 -21.74 -6.72
N ARG B 23 19.28 -20.61 -7.41
CA ARG B 23 18.95 -19.34 -6.78
C ARG B 23 17.49 -19.34 -6.33
N SER B 24 16.64 -20.11 -7.02
CA SER B 24 15.22 -20.18 -6.72
C SER B 24 14.99 -20.88 -5.39
N GLU B 25 15.87 -21.82 -5.04
CA GLU B 25 15.72 -22.63 -3.84
C GLU B 25 16.29 -21.91 -2.62
N LEU B 26 17.24 -20.99 -2.84
CA LEU B 26 17.90 -20.29 -1.74
C LEU B 26 18.57 -19.02 -2.25
N ARG B 27 18.20 -17.89 -1.64
CA ARG B 27 18.90 -16.63 -1.82
C ARG B 27 19.53 -16.22 -0.49
N LEU B 28 20.86 -16.10 -0.48
CA LEU B 28 21.61 -15.83 0.74
C LEU B 28 21.28 -14.43 1.27
N ASP B 29 21.15 -13.46 0.35
CA ASP B 29 20.97 -12.06 0.72
C ASP B 29 19.63 -11.85 1.42
N LEU B 30 18.65 -12.71 1.11
CA LEU B 30 17.32 -12.60 1.70
C LEU B 30 17.22 -13.40 3.00
N VAL B 31 18.04 -14.47 3.13
CA VAL B 31 17.88 -15.43 4.22
C VAL B 31 18.83 -15.10 5.37
N LEU B 32 20.02 -14.54 5.07
CA LEU B 32 21.07 -14.38 6.07
C LEU B 32 20.97 -13.03 6.77
N ALA B 33 19.97 -12.21 6.43
CA ALA B 33 19.77 -10.93 7.11
C ALA B 33 18.32 -10.49 7.01
N SER B 34 17.39 -11.41 7.32
CA SER B 34 15.97 -11.10 7.37
C SER B 34 15.42 -11.32 8.77
N GLY B 35 16.32 -11.40 9.77
CA GLY B 35 15.93 -11.54 11.16
C GLY B 35 15.77 -13.00 11.59
N GLN B 36 16.51 -13.90 10.94
CA GLN B 36 16.61 -15.28 11.38
C GLN B 36 17.88 -15.43 12.21
N SER B 37 19.02 -15.20 11.55
CA SER B 37 20.33 -15.23 12.19
C SER B 37 20.86 -13.80 12.26
N PHE B 38 21.68 -13.52 13.27
CA PHE B 38 22.25 -12.20 13.46
C PHE B 38 23.77 -12.26 13.46
N ARG B 39 24.31 -13.34 12.88
CA ARG B 39 25.72 -13.69 12.99
C ARG B 39 26.38 -13.77 11.61
N TRP B 40 25.66 -13.31 10.57
CA TRP B 40 26.16 -13.30 9.20
C TRP B 40 26.30 -11.85 8.74
N LYS B 41 27.45 -11.54 8.12
CA LYS B 41 27.72 -10.20 7.60
C LYS B 41 28.34 -10.30 6.22
N GLU B 42 27.94 -9.37 5.34
CA GLU B 42 28.46 -9.28 3.98
C GLU B 42 29.71 -8.42 4.00
N GLN B 43 30.86 -9.06 4.22
CA GLN B 43 32.12 -8.35 4.42
C GLN B 43 32.58 -7.76 3.09
N SER B 44 32.71 -8.63 2.07
CA SER B 44 32.94 -8.20 0.70
C SER B 44 31.71 -8.52 -0.13
N PRO B 45 31.31 -7.63 -1.08
CA PRO B 45 30.09 -7.83 -1.85
C PRO B 45 29.84 -9.27 -2.31
N ALA B 46 28.66 -9.80 -1.92
CA ALA B 46 28.20 -11.13 -2.32
C ALA B 46 29.01 -12.22 -1.64
N HIS B 47 29.55 -11.93 -0.45
CA HIS B 47 30.31 -12.91 0.33
C HIS B 47 29.93 -12.78 1.81
N TRP B 48 29.06 -13.69 2.26
CA TRP B 48 28.49 -13.64 3.60
C TRP B 48 29.33 -14.47 4.55
N SER B 49 29.95 -13.79 5.54
CA SER B 49 30.82 -14.44 6.51
C SER B 49 30.13 -14.51 7.87
N GLY B 50 30.29 -15.64 8.57
CA GLY B 50 29.66 -15.84 9.86
C GLY B 50 30.13 -17.12 10.55
N VAL B 51 29.75 -17.26 11.82
CA VAL B 51 30.13 -18.41 12.64
C VAL B 51 29.01 -19.45 12.57
N LEU B 52 29.42 -20.74 12.58
CA LEU B 52 28.49 -21.86 12.54
C LEU B 52 29.15 -23.04 13.25
N ALA B 53 28.52 -23.49 14.35
CA ALA B 53 29.01 -24.58 15.17
C ALA B 53 30.44 -24.29 15.63
N ASP B 54 30.69 -23.02 15.99
CA ASP B 54 32.01 -22.56 16.44
C ASP B 54 33.04 -22.80 15.34
N GLN B 55 32.68 -22.45 14.10
CA GLN B 55 33.60 -22.42 12.97
C GLN B 55 33.18 -21.26 12.05
N VAL B 56 34.17 -20.59 11.45
CA VAL B 56 33.91 -19.44 10.61
C VAL B 56 33.73 -19.89 9.16
N TRP B 57 32.88 -19.18 8.42
CA TRP B 57 32.56 -19.50 7.04
C TRP B 57 32.57 -18.22 6.20
N THR B 58 32.55 -18.42 4.87
CA THR B 58 32.18 -17.37 3.92
C THR B 58 31.40 -18.03 2.79
N LEU B 59 30.27 -17.43 2.41
CA LEU B 59 29.31 -18.06 1.51
C LEU B 59 29.04 -17.13 0.32
N THR B 60 28.87 -17.75 -0.85
CA THR B 60 28.39 -17.06 -2.05
C THR B 60 27.64 -18.06 -2.92
N GLN B 61 27.11 -17.59 -4.06
CA GLN B 61 26.35 -18.47 -4.94
C GLN B 61 26.34 -17.93 -6.36
N THR B 62 26.35 -18.86 -7.33
CA THR B 62 26.08 -18.57 -8.72
C THR B 62 24.61 -18.86 -8.99
N GLU B 63 24.24 -19.06 -10.27
CA GLU B 63 22.86 -19.22 -10.65
C GLU B 63 22.47 -20.72 -10.64
N ASP B 64 23.26 -21.54 -9.94
CA ASP B 64 23.02 -22.98 -9.91
C ASP B 64 23.75 -23.64 -8.74
N GLN B 65 24.95 -23.14 -8.39
CA GLN B 65 25.76 -23.70 -7.32
C GLN B 65 25.68 -22.82 -6.07
N LEU B 66 26.07 -23.42 -4.93
CA LEU B 66 26.22 -22.69 -3.67
C LEU B 66 27.68 -22.75 -3.24
N TYR B 67 28.42 -21.67 -3.54
CA TYR B 67 29.85 -21.61 -3.28
C TYR B 67 30.09 -21.24 -1.81
N CYS B 68 31.22 -21.70 -1.26
CA CYS B 68 31.54 -21.45 0.14
C CYS B 68 33.02 -21.73 0.41
N THR B 69 33.49 -21.29 1.59
CA THR B 69 34.85 -21.52 2.04
C THR B 69 34.87 -21.44 3.57
N VAL B 70 35.61 -22.37 4.19
CA VAL B 70 35.64 -22.51 5.65
C VAL B 70 37.01 -22.07 6.16
N TYR B 71 37.04 -21.63 7.42
CA TYR B 71 38.28 -21.26 8.09
C TYR B 71 38.44 -22.12 9.34
N ARG B 72 39.32 -23.14 9.25
CA ARG B 72 39.55 -24.06 10.35
C ARG B 72 40.39 -23.39 11.42
N GLY B 73 41.58 -22.89 11.03
CA GLY B 73 42.47 -22.22 11.95
C GLY B 73 43.81 -21.88 11.30
N ARG B 80 40.58 -26.03 2.10
CA ARG B 80 39.25 -25.73 1.53
C ARG B 80 38.20 -26.65 2.16
N PRO B 81 36.89 -26.39 1.99
CA PRO B 81 35.84 -27.14 2.70
C PRO B 81 35.88 -28.65 2.46
N THR B 82 35.74 -29.41 3.55
CA THR B 82 35.69 -30.87 3.49
C THR B 82 34.25 -31.31 3.20
N LEU B 83 34.08 -32.61 2.96
CA LEU B 83 32.77 -33.19 2.72
C LEU B 83 31.90 -33.06 3.97
N GLU B 84 32.46 -33.42 5.13
CA GLU B 84 31.73 -33.48 6.38
C GLU B 84 31.14 -32.11 6.73
N GLU B 85 31.92 -31.05 6.47
CA GLU B 85 31.53 -29.69 6.82
C GLU B 85 30.50 -29.16 5.80
N LEU B 86 30.57 -29.66 4.56
CA LEU B 86 29.60 -29.28 3.53
C LEU B 86 28.24 -29.92 3.82
N GLU B 87 28.25 -31.10 4.47
CA GLU B 87 27.03 -31.78 4.85
C GLU B 87 26.36 -31.05 6.02
N THR B 88 27.17 -30.35 6.83
CA THR B 88 26.67 -29.57 7.96
C THR B 88 25.91 -28.35 7.44
N LEU B 89 26.46 -27.71 6.40
CA LEU B 89 25.87 -26.51 5.80
C LEU B 89 24.60 -26.87 5.05
N HIS B 90 24.51 -28.12 4.57
CA HIS B 90 23.35 -28.61 3.84
C HIS B 90 22.14 -28.70 4.78
N LYS B 91 22.36 -29.23 5.99
CA LYS B 91 21.31 -29.40 6.98
C LYS B 91 20.90 -28.04 7.56
N TYR B 92 21.82 -27.07 7.51
CA TYR B 92 21.58 -25.73 8.02
C TYR B 92 20.53 -25.02 7.17
N PHE B 93 20.64 -25.19 5.84
CA PHE B 93 19.74 -24.55 4.90
C PHE B 93 18.55 -25.45 4.57
N GLN B 94 18.52 -26.66 5.16
CA GLN B 94 17.39 -27.57 5.01
C GLN B 94 17.07 -27.74 3.52
N LEU B 95 18.08 -28.15 2.74
CA LEU B 95 17.98 -28.19 1.30
C LEU B 95 17.16 -29.40 0.83
N ASP B 96 16.88 -30.34 1.73
CA ASP B 96 15.97 -31.44 1.46
C ASP B 96 14.60 -30.89 1.05
N VAL B 97 14.13 -29.88 1.79
CA VAL B 97 12.80 -29.34 1.61
C VAL B 97 12.74 -28.54 0.31
N SER B 98 11.84 -28.94 -0.59
CA SER B 98 11.66 -28.27 -1.88
C SER B 98 10.83 -27.01 -1.69
N LEU B 99 11.45 -25.85 -1.99
CA LEU B 99 10.82 -24.56 -1.79
C LEU B 99 9.91 -24.22 -2.98
N ALA B 100 10.28 -24.73 -4.17
CA ALA B 100 9.50 -24.52 -5.38
C ALA B 100 8.11 -25.13 -5.23
N GLN B 101 8.03 -26.28 -4.56
CA GLN B 101 6.76 -26.98 -4.34
C GLN B 101 5.94 -26.24 -3.29
N LEU B 102 6.60 -25.75 -2.23
CA LEU B 102 5.93 -25.04 -1.16
C LEU B 102 5.34 -23.73 -1.69
N TYR B 103 6.13 -22.98 -2.47
CA TYR B 103 5.68 -21.75 -3.10
C TYR B 103 4.47 -22.03 -4.00
N SER B 104 4.51 -23.17 -4.71
CA SER B 104 3.43 -23.55 -5.61
C SER B 104 2.15 -23.84 -4.84
N HIS B 105 2.29 -24.45 -3.65
CA HIS B 105 1.15 -24.79 -2.81
C HIS B 105 0.55 -23.53 -2.19
N TRP B 106 1.41 -22.66 -1.65
CA TRP B 106 0.97 -21.45 -0.98
C TRP B 106 0.27 -20.52 -1.97
N ALA B 107 0.78 -20.48 -3.21
CA ALA B 107 0.28 -19.56 -4.22
C ALA B 107 -1.13 -19.95 -4.67
N SER B 108 -1.44 -21.25 -4.63
CA SER B 108 -2.71 -21.76 -5.12
C SER B 108 -3.83 -21.53 -4.10
N VAL B 109 -3.47 -21.38 -2.82
CA VAL B 109 -4.45 -21.20 -1.75
C VAL B 109 -4.52 -19.74 -1.33
N ASP B 110 -3.62 -18.89 -1.86
CA ASP B 110 -3.49 -17.51 -1.42
C ASP B 110 -3.12 -16.63 -2.61
N SER B 111 -4.02 -15.71 -2.96
CA SER B 111 -3.82 -14.80 -4.08
C SER B 111 -2.75 -13.76 -3.74
N HIS B 112 -2.75 -13.30 -2.48
CA HIS B 112 -1.81 -12.29 -2.03
C HIS B 112 -0.39 -12.81 -2.09
N PHE B 113 -0.20 -14.07 -1.70
CA PHE B 113 1.13 -14.69 -1.66
C PHE B 113 1.72 -14.74 -3.07
N GLN B 114 0.88 -15.04 -4.07
CA GLN B 114 1.33 -15.20 -5.45
C GLN B 114 1.96 -13.89 -5.95
N ARG B 115 1.39 -12.75 -5.55
CA ARG B 115 1.88 -11.46 -5.98
C ARG B 115 3.25 -11.17 -5.37
N VAL B 116 3.41 -11.49 -4.07
CA VAL B 116 4.63 -11.20 -3.34
C VAL B 116 5.70 -12.25 -3.65
N ALA B 117 5.27 -13.50 -3.84
CA ALA B 117 6.18 -14.62 -4.00
C ALA B 117 7.07 -14.45 -5.24
N GLN B 118 6.51 -13.87 -6.31
CA GLN B 118 7.21 -13.70 -7.57
C GLN B 118 8.50 -12.91 -7.39
N LYS B 119 8.45 -11.87 -6.54
CA LYS B 119 9.54 -10.92 -6.42
C LYS B 119 10.41 -11.25 -5.19
N PHE B 120 10.11 -12.36 -4.51
CA PHE B 120 10.85 -12.76 -3.32
C PHE B 120 10.96 -14.28 -3.26
N GLN B 121 11.80 -14.83 -4.15
CA GLN B 121 12.03 -16.27 -4.19
C GLN B 121 13.28 -16.61 -3.39
N GLY B 122 13.40 -17.89 -3.02
CA GLY B 122 14.59 -18.40 -2.35
C GLY B 122 14.64 -18.04 -0.86
N VAL B 123 13.46 -17.80 -0.26
CA VAL B 123 13.37 -17.51 1.16
C VAL B 123 12.95 -18.80 1.88
N ARG B 124 13.85 -19.32 2.71
CA ARG B 124 13.61 -20.51 3.50
C ARG B 124 14.06 -20.26 4.94
N LEU B 125 13.80 -21.23 5.82
CA LEU B 125 14.17 -21.15 7.22
C LEU B 125 15.50 -21.88 7.46
N LEU B 126 16.39 -21.23 8.20
CA LEU B 126 17.61 -21.85 8.68
C LEU B 126 17.27 -22.79 9.84
N ARG B 127 18.06 -23.86 9.99
CA ARG B 127 17.94 -24.76 11.11
C ARG B 127 19.03 -24.42 12.13
N GLN B 128 18.68 -23.57 13.10
CA GLN B 128 19.65 -22.97 14.00
C GLN B 128 19.83 -23.83 15.24
N ASP B 129 20.93 -23.57 15.96
CA ASP B 129 21.19 -24.16 17.26
C ASP B 129 20.16 -23.62 18.25
N PRO B 130 19.48 -24.49 19.05
CA PRO B 130 18.50 -24.04 20.04
C PRO B 130 19.01 -23.02 21.04
N THR B 131 20.24 -23.23 21.55
CA THR B 131 20.84 -22.35 22.54
C THR B 131 21.03 -20.96 21.94
N GLU B 132 21.66 -20.92 20.77
CA GLU B 132 21.97 -19.66 20.10
C GLU B 132 20.68 -18.93 19.73
N CYS B 133 19.67 -19.68 19.28
CA CYS B 133 18.41 -19.12 18.83
C CYS B 133 17.65 -18.53 20.01
N LEU B 134 17.63 -19.26 21.13
CA LEU B 134 16.88 -18.87 22.31
C LEU B 134 17.33 -17.51 22.84
N PHE B 135 18.63 -17.39 23.13
CA PHE B 135 19.16 -16.21 23.82
C PHE B 135 19.25 -15.03 22.85
N SER B 136 19.32 -15.30 21.55
CA SER B 136 19.32 -14.26 20.54
C SER B 136 17.96 -13.55 20.51
N PHE B 137 16.87 -14.32 20.61
CA PHE B 137 15.53 -13.78 20.44
C PHE B 137 14.97 -13.27 21.77
N ILE B 138 15.64 -13.57 22.89
CA ILE B 138 15.33 -12.93 24.15
C ILE B 138 15.74 -11.45 24.07
N CYS B 139 16.70 -11.15 23.20
CA CYS B 139 17.20 -9.79 23.03
C CYS B 139 16.43 -9.04 21.94
N SER B 140 15.40 -9.68 21.36
CA SER B 140 14.69 -9.10 20.22
C SER B 140 13.55 -8.20 20.68
N SER B 141 13.24 -8.21 21.99
CA SER B 141 12.20 -7.37 22.55
C SER B 141 12.59 -5.90 22.41
N ASN B 142 11.70 -5.10 21.79
CA ASN B 142 11.90 -3.68 21.59
C ASN B 142 13.24 -3.43 20.90
N ASN B 143 13.31 -3.80 19.61
CA ASN B 143 14.57 -3.74 18.86
C ASN B 143 14.32 -3.77 17.35
N ASN B 144 15.41 -3.57 16.61
CA ASN B 144 15.47 -3.78 15.17
C ASN B 144 16.64 -4.72 14.89
N ILE B 145 16.76 -5.17 13.63
CA ILE B 145 17.74 -6.18 13.26
C ILE B 145 19.14 -5.70 13.58
N ALA B 146 19.47 -4.46 13.16
CA ALA B 146 20.81 -3.92 13.29
C ALA B 146 21.24 -3.87 14.76
N ARG B 147 20.32 -3.44 15.64
CA ARG B 147 20.62 -3.19 17.04
C ARG B 147 20.75 -4.51 17.79
N ILE B 148 20.03 -5.55 17.34
CA ILE B 148 20.13 -6.89 17.92
C ILE B 148 21.48 -7.50 17.53
N THR B 149 21.86 -7.31 16.25
CA THR B 149 23.12 -7.83 15.73
C THR B 149 24.28 -7.34 16.60
N GLY B 150 24.26 -6.04 16.94
CA GLY B 150 25.26 -5.45 17.80
C GLY B 150 25.32 -6.13 19.17
N MET B 151 24.15 -6.40 19.76
CA MET B 151 24.06 -6.97 21.09
C MET B 151 24.62 -8.39 21.11
N VAL B 152 24.27 -9.19 20.10
CA VAL B 152 24.68 -10.59 20.03
C VAL B 152 26.19 -10.66 19.80
N GLU B 153 26.73 -9.71 19.01
CA GLU B 153 28.16 -9.64 18.75
C GLU B 153 28.92 -9.43 20.06
N ARG B 154 28.51 -8.41 20.82
CA ARG B 154 29.19 -8.03 22.06
C ARG B 154 28.98 -9.11 23.13
N LEU B 155 27.84 -9.81 23.06
CA LEU B 155 27.55 -10.91 23.97
C LEU B 155 28.54 -12.05 23.71
N CYS B 156 28.75 -12.39 22.44
CA CYS B 156 29.67 -13.46 22.05
C CYS B 156 31.11 -13.05 22.31
N GLN B 157 31.42 -11.78 22.08
CA GLN B 157 32.77 -11.25 22.25
C GLN B 157 33.21 -11.37 23.71
N ALA B 158 32.27 -11.20 24.65
CA ALA B 158 32.57 -11.17 26.06
C ALA B 158 32.55 -12.58 26.66
N PHE B 159 31.49 -13.35 26.37
CA PHE B 159 31.24 -14.61 27.04
C PHE B 159 31.66 -15.80 26.18
N GLY B 160 31.82 -15.59 24.87
CA GLY B 160 32.07 -16.68 23.94
C GLY B 160 33.56 -16.93 23.70
N PRO B 161 33.98 -18.17 23.36
CA PRO B 161 35.38 -18.47 23.06
C PRO B 161 35.87 -17.83 21.76
N ARG B 162 37.15 -17.41 21.76
CA ARG B 162 37.78 -16.80 20.60
C ARG B 162 38.14 -17.90 19.60
N LEU B 163 37.87 -17.64 18.32
CA LEU B 163 38.07 -18.64 17.26
C LEU B 163 39.17 -18.19 16.32
N ILE B 164 38.89 -17.17 15.50
CA ILE B 164 39.79 -16.73 14.44
C ILE B 164 39.61 -15.23 14.24
N GLN B 165 40.66 -14.56 13.74
CA GLN B 165 40.59 -13.16 13.35
C GLN B 165 40.83 -13.05 11.84
N LEU B 166 39.87 -12.44 11.14
CA LEU B 166 40.00 -12.12 9.73
C LEU B 166 39.93 -10.60 9.56
N ASP B 167 40.91 -10.03 8.84
CA ASP B 167 41.07 -8.59 8.74
C ASP B 167 41.11 -7.99 10.14
N ASP B 168 40.02 -7.31 10.55
CA ASP B 168 39.94 -6.71 11.88
C ASP B 168 38.76 -7.31 12.64
N VAL B 169 38.13 -8.35 12.09
CA VAL B 169 36.93 -8.94 12.67
C VAL B 169 37.32 -10.23 13.39
N THR B 170 37.27 -10.19 14.73
CA THR B 170 37.55 -11.35 15.55
C THR B 170 36.24 -12.10 15.81
N TYR B 171 36.21 -13.37 15.39
CA TYR B 171 35.01 -14.19 15.48
C TYR B 171 35.02 -14.98 16.78
N HIS B 172 33.90 -14.95 17.51
CA HIS B 172 33.71 -15.75 18.71
C HIS B 172 32.56 -16.72 18.49
N GLY B 173 32.68 -17.91 19.09
CA GLY B 173 31.58 -18.85 19.14
C GLY B 173 30.50 -18.38 20.11
N PHE B 174 29.29 -18.92 19.97
CA PHE B 174 28.19 -18.54 20.85
C PHE B 174 28.38 -19.26 22.19
N PRO B 175 28.32 -18.54 23.33
CA PRO B 175 28.67 -19.12 24.64
C PRO B 175 27.72 -20.22 25.10
N ASN B 176 28.22 -21.05 26.02
CA ASN B 176 27.41 -22.10 26.64
C ASN B 176 26.58 -21.50 27.77
N LEU B 177 25.72 -22.32 28.36
CA LEU B 177 24.84 -21.90 29.44
C LEU B 177 25.64 -21.48 30.66
N HIS B 178 26.77 -22.16 30.89
CA HIS B 178 27.59 -21.96 32.09
C HIS B 178 28.05 -20.51 32.16
N ALA B 179 28.51 -19.97 31.03
CA ALA B 179 29.04 -18.62 30.96
C ALA B 179 27.94 -17.59 31.22
N LEU B 180 26.75 -17.83 30.63
CA LEU B 180 25.66 -16.88 30.68
C LEU B 180 24.99 -16.86 32.05
N ALA B 181 25.15 -17.95 32.82
CA ALA B 181 24.55 -18.08 34.13
C ALA B 181 25.53 -17.63 35.23
N GLY B 182 26.56 -16.88 34.85
CA GLY B 182 27.59 -16.45 35.78
C GLY B 182 27.11 -15.32 36.69
N PRO B 183 27.88 -14.94 37.73
CA PRO B 183 27.44 -13.95 38.71
C PRO B 183 27.40 -12.52 38.17
N GLU B 184 28.46 -12.10 37.46
CA GLU B 184 28.56 -10.75 36.91
C GLU B 184 28.20 -10.76 35.43
N ALA B 185 27.26 -11.63 35.04
CA ALA B 185 26.82 -11.72 33.66
C ALA B 185 25.91 -10.55 33.33
N GLU B 186 24.89 -10.35 34.18
CA GLU B 186 23.89 -9.31 33.99
C GLU B 186 24.56 -7.94 33.95
N THR B 187 25.50 -7.70 34.88
CA THR B 187 26.19 -6.43 34.98
C THR B 187 26.98 -6.17 33.70
N HIS B 188 27.70 -7.18 33.22
CA HIS B 188 28.50 -7.06 32.01
C HIS B 188 27.59 -6.86 30.81
N LEU B 189 26.48 -7.61 30.76
CA LEU B 189 25.52 -7.51 29.66
C LEU B 189 24.84 -6.14 29.66
N ARG B 190 24.58 -5.59 30.84
CA ARG B 190 24.01 -4.25 30.97
C ARG B 190 25.03 -3.20 30.51
N LYS B 191 26.31 -3.48 30.75
CA LYS B 191 27.39 -2.60 30.34
C LYS B 191 27.48 -2.55 28.81
N LEU B 192 27.19 -3.68 28.15
CA LEU B 192 27.23 -3.77 26.70
C LEU B 192 25.99 -3.12 26.09
N GLY B 193 24.92 -2.98 26.88
CA GLY B 193 23.77 -2.17 26.51
C GLY B 193 22.57 -3.00 26.10
N LEU B 194 22.38 -4.17 26.75
CA LEU B 194 21.21 -5.00 26.52
C LEU B 194 20.03 -4.47 27.34
N GLY B 195 20.34 -3.78 28.45
CA GLY B 195 19.32 -3.22 29.31
C GLY B 195 18.61 -4.30 30.14
N TYR B 196 17.29 -4.37 29.99
CA TYR B 196 16.46 -5.29 30.75
C TYR B 196 16.61 -6.72 30.23
N ARG B 197 17.09 -6.85 28.98
CA ARG B 197 17.24 -8.14 28.33
C ARG B 197 18.34 -8.94 29.02
N ALA B 198 19.34 -8.23 29.57
CA ALA B 198 20.42 -8.84 30.33
C ALA B 198 19.88 -9.67 31.49
N ARG B 199 18.79 -9.20 32.10
CA ARG B 199 18.15 -9.90 33.20
C ARG B 199 17.61 -11.24 32.73
N TYR B 200 16.91 -11.25 31.59
CA TYR B 200 16.27 -12.44 31.06
C TYR B 200 17.32 -13.45 30.60
N VAL B 201 18.38 -12.97 29.95
CA VAL B 201 19.43 -13.82 29.42
C VAL B 201 20.01 -14.68 30.56
N ARG B 202 20.37 -14.02 31.66
CA ARG B 202 20.98 -14.70 32.80
C ARG B 202 19.96 -15.63 33.45
N ALA B 203 18.76 -15.10 33.70
CA ALA B 203 17.71 -15.84 34.39
C ALA B 203 17.39 -17.14 33.65
N SER B 204 17.19 -17.04 32.33
CA SER B 204 16.84 -18.18 31.50
C SER B 204 18.00 -19.18 31.46
N ALA B 205 19.22 -18.68 31.23
CA ALA B 205 20.40 -19.52 31.16
C ALA B 205 20.56 -20.31 32.46
N LYS B 206 20.36 -19.63 33.59
CA LYS B 206 20.58 -20.20 34.91
C LYS B 206 19.47 -21.20 35.23
N ALA B 207 18.27 -20.96 34.68
CA ALA B 207 17.12 -21.83 34.91
C ALA B 207 17.33 -23.19 34.22
N ILE B 208 17.78 -23.15 32.96
CA ILE B 208 17.90 -24.36 32.15
C ILE B 208 18.90 -25.32 32.80
N LEU B 209 20.01 -24.77 33.32
CA LEU B 209 21.07 -25.57 33.90
C LEU B 209 20.54 -26.41 35.06
N GLU B 210 19.93 -25.74 36.03
CA GLU B 210 19.60 -26.34 37.31
C GLU B 210 18.24 -27.03 37.25
N GLU B 211 17.21 -26.26 36.87
CA GLU B 211 15.83 -26.73 36.91
C GLU B 211 15.63 -27.86 35.89
N GLN B 212 15.93 -27.57 34.63
CA GLN B 212 15.60 -28.48 33.53
C GLN B 212 16.67 -29.57 33.43
N GLY B 213 17.93 -29.21 33.69
CA GLY B 213 19.01 -30.17 33.81
C GLY B 213 19.83 -30.30 32.52
N GLY B 214 20.57 -29.23 32.20
CA GLY B 214 21.55 -29.26 31.11
C GLY B 214 20.95 -28.83 29.77
N PRO B 215 21.79 -28.73 28.71
CA PRO B 215 21.34 -28.29 27.40
C PRO B 215 20.70 -29.37 26.52
N ALA B 216 20.65 -30.61 27.03
CA ALA B 216 20.00 -31.71 26.35
C ALA B 216 18.48 -31.54 26.38
N TRP B 217 18.00 -30.63 27.26
CA TRP B 217 16.59 -30.31 27.37
C TRP B 217 16.07 -29.68 26.08
N LEU B 218 16.88 -28.80 25.48
CA LEU B 218 16.49 -28.10 24.26
C LEU B 218 16.47 -29.08 23.08
N GLN B 219 17.31 -30.12 23.15
CA GLN B 219 17.33 -31.16 22.14
C GLN B 219 16.09 -32.05 22.28
N GLN B 220 15.57 -32.15 23.52
CA GLN B 220 14.33 -32.87 23.80
C GLN B 220 13.15 -32.16 23.15
N LEU B 221 13.16 -30.82 23.16
CA LEU B 221 12.06 -30.03 22.63
C LEU B 221 12.03 -30.12 21.10
N ARG B 222 13.20 -30.34 20.48
CA ARG B 222 13.29 -30.47 19.04
C ARG B 222 12.53 -31.70 18.56
N VAL B 223 12.64 -32.81 19.30
CA VAL B 223 12.00 -34.06 18.93
C VAL B 223 10.57 -34.09 19.48
N ALA B 224 10.32 -33.35 20.57
CA ALA B 224 9.01 -33.32 21.21
C ALA B 224 8.00 -32.60 20.32
N PRO B 225 6.68 -32.83 20.51
CA PRO B 225 5.65 -32.13 19.72
C PRO B 225 5.61 -30.62 19.96
N TYR B 226 4.90 -29.92 19.06
CA TYR B 226 4.91 -28.46 19.00
C TYR B 226 4.25 -27.86 20.25
N GLU B 227 3.11 -28.44 20.66
CA GLU B 227 2.34 -27.91 21.78
C GLU B 227 3.16 -28.00 23.06
N GLU B 228 3.85 -29.13 23.24
CA GLU B 228 4.67 -29.38 24.42
C GLU B 228 5.91 -28.49 24.41
N ALA B 229 6.45 -28.24 23.20
CA ALA B 229 7.66 -27.45 23.03
C ALA B 229 7.38 -25.99 23.37
N HIS B 230 6.30 -25.44 22.82
CA HIS B 230 5.92 -24.05 23.03
C HIS B 230 5.57 -23.83 24.50
N LYS B 231 4.83 -24.79 25.07
CA LYS B 231 4.51 -24.82 26.49
C LYS B 231 5.78 -24.70 27.32
N ALA B 232 6.79 -25.52 26.97
CA ALA B 232 8.01 -25.66 27.76
C ALA B 232 8.85 -24.37 27.70
N LEU B 233 8.91 -23.73 26.53
CA LEU B 233 9.73 -22.55 26.33
C LEU B 233 9.15 -21.35 27.09
N CYS B 234 7.82 -21.31 27.22
CA CYS B 234 7.13 -20.17 27.81
C CYS B 234 7.35 -20.10 29.33
N THR B 235 7.82 -21.20 29.93
CA THR B 235 8.09 -21.24 31.36
C THR B 235 9.43 -20.58 31.68
N LEU B 236 10.19 -20.19 30.65
CA LEU B 236 11.45 -19.49 30.84
C LEU B 236 11.20 -18.00 31.00
N PRO B 237 12.00 -17.27 31.81
CA PRO B 237 11.85 -15.82 31.94
C PRO B 237 12.19 -15.07 30.64
N GLY B 238 11.30 -14.14 30.27
CA GLY B 238 11.52 -13.29 29.10
C GLY B 238 11.16 -14.00 27.79
N VAL B 239 10.51 -15.16 27.88
CA VAL B 239 10.12 -15.93 26.71
C VAL B 239 8.59 -15.99 26.68
N GLY B 240 7.99 -15.11 25.87
CA GLY B 240 6.57 -15.13 25.63
C GLY B 240 6.22 -16.05 24.45
N ALA B 241 4.97 -15.95 23.98
CA ALA B 241 4.46 -16.77 22.90
C ALA B 241 5.18 -16.43 21.59
N LYS B 242 5.48 -15.14 21.41
CA LYS B 242 6.10 -14.64 20.19
C LYS B 242 7.49 -15.28 20.03
N VAL B 243 8.32 -15.16 21.08
CA VAL B 243 9.69 -15.65 21.05
C VAL B 243 9.68 -17.17 20.99
N ALA B 244 8.70 -17.79 21.65
CA ALA B 244 8.60 -19.25 21.70
C ALA B 244 8.35 -19.82 20.31
N ASP B 245 7.51 -19.14 19.52
CA ASP B 245 7.21 -19.57 18.16
C ASP B 245 8.43 -19.39 17.27
N CYS B 246 9.20 -18.32 17.50
CA CYS B 246 10.43 -18.06 16.75
C CYS B 246 11.41 -19.21 16.96
N ILE B 247 11.58 -19.62 18.22
CA ILE B 247 12.50 -20.69 18.57
C ILE B 247 11.99 -22.01 17.97
N CYS B 248 10.68 -22.27 18.13
CA CYS B 248 10.06 -23.47 17.61
C CYS B 248 10.29 -23.58 16.10
N LEU B 249 10.11 -22.48 15.38
CA LEU B 249 10.16 -22.46 13.93
C LEU B 249 11.59 -22.57 13.42
N MET B 250 12.53 -21.95 14.14
CA MET B 250 13.87 -21.71 13.61
C MET B 250 14.89 -22.67 14.21
N ALA B 251 14.48 -23.48 15.19
CA ALA B 251 15.41 -24.28 15.97
C ALA B 251 14.87 -25.69 16.25
N LEU B 252 13.57 -25.80 16.59
CA LEU B 252 13.01 -27.04 17.07
C LEU B 252 12.24 -27.77 15.97
N ASP B 253 12.48 -27.41 14.71
CA ASP B 253 11.91 -28.10 13.56
C ASP B 253 10.38 -28.14 13.65
N LYS B 254 9.78 -26.97 13.90
CA LYS B 254 8.33 -26.82 13.89
C LYS B 254 7.94 -25.90 12.74
N PRO B 255 7.78 -26.42 11.50
CA PRO B 255 7.46 -25.56 10.35
C PRO B 255 6.09 -24.90 10.41
N GLN B 256 5.22 -25.39 11.31
CA GLN B 256 3.86 -24.90 11.42
C GLN B 256 3.77 -23.72 12.40
N ALA B 257 4.87 -23.45 13.12
CA ALA B 257 4.90 -22.36 14.10
C ALA B 257 4.87 -21.02 13.39
N VAL B 258 3.97 -20.13 13.84
CA VAL B 258 3.77 -18.82 13.24
C VAL B 258 3.94 -17.76 14.31
N PRO B 259 5.14 -17.14 14.44
CA PRO B 259 5.33 -16.02 15.37
C PRO B 259 4.42 -14.84 15.05
N VAL B 260 3.60 -14.44 16.03
CA VAL B 260 2.67 -13.33 15.87
C VAL B 260 3.19 -12.14 16.69
N ASP B 261 3.47 -11.03 15.99
CA ASP B 261 3.95 -9.80 16.59
C ASP B 261 3.19 -8.64 15.97
N VAL B 262 3.72 -7.42 16.13
CA VAL B 262 3.10 -6.20 15.61
C VAL B 262 3.12 -6.23 14.08
N HIS B 263 4.19 -6.79 13.50
CA HIS B 263 4.35 -6.81 12.05
C HIS B 263 3.31 -7.73 11.41
N VAL B 264 3.27 -8.98 11.87
CA VAL B 264 2.37 -10.00 11.32
C VAL B 264 0.93 -9.54 11.48
N TRP B 265 0.63 -8.89 12.62
CA TRP B 265 -0.71 -8.46 12.95
C TRP B 265 -1.23 -7.45 11.93
N GLN B 266 -0.38 -6.50 11.52
CA GLN B 266 -0.82 -5.45 10.61
C GLN B 266 -0.88 -6.00 9.18
N ILE B 267 0.02 -6.94 8.86
CA ILE B 267 -0.02 -7.62 7.56
C ILE B 267 -1.34 -8.38 7.43
N ALA B 268 -1.68 -9.14 8.47
CA ALA B 268 -2.90 -9.92 8.49
C ALA B 268 -4.11 -9.02 8.25
N HIS B 269 -4.20 -7.95 9.03
CA HIS B 269 -5.33 -7.03 8.98
C HIS B 269 -5.38 -6.33 7.62
N ARG B 270 -4.24 -5.80 7.17
CA ARG B 270 -4.18 -4.98 5.97
C ARG B 270 -4.43 -5.83 4.73
N ASP B 271 -3.70 -6.95 4.62
CA ASP B 271 -3.60 -7.69 3.37
C ASP B 271 -4.64 -8.81 3.28
N TYR B 272 -5.10 -9.32 4.43
CA TYR B 272 -6.06 -10.43 4.44
C TYR B 272 -7.41 -9.99 5.00
N GLY B 273 -7.49 -8.78 5.55
CA GLY B 273 -8.74 -8.26 6.09
C GLY B 273 -9.19 -9.00 7.34
N TRP B 274 -8.20 -9.48 8.13
CA TRP B 274 -8.47 -10.32 9.29
C TRP B 274 -8.75 -9.45 10.52
N HIS B 275 -9.76 -9.84 11.30
CA HIS B 275 -9.99 -9.29 12.62
C HIS B 275 -10.28 -10.44 13.58
N PRO B 276 -9.91 -10.32 14.87
CA PRO B 276 -10.24 -11.34 15.86
C PRO B 276 -11.70 -11.24 16.31
N LYS B 277 -12.19 -12.30 16.96
CA LYS B 277 -13.52 -12.30 17.55
C LYS B 277 -13.44 -11.64 18.93
N PRO B 284 -3.90 -6.11 20.22
CA PRO B 284 -3.55 -7.53 20.36
C PRO B 284 -3.75 -8.06 21.78
N SER B 285 -3.74 -9.40 21.90
CA SER B 285 -3.86 -10.08 23.19
C SER B 285 -3.39 -11.52 23.04
N PRO B 286 -3.09 -12.25 24.14
CA PRO B 286 -2.67 -13.64 24.05
C PRO B 286 -3.60 -14.55 23.24
N LEU B 287 -4.91 -14.37 23.43
CA LEU B 287 -5.92 -15.20 22.78
C LEU B 287 -6.04 -14.83 21.31
N ALA B 288 -6.02 -13.53 21.01
CA ALA B 288 -6.14 -13.03 19.65
C ALA B 288 -4.92 -13.45 18.83
N ASN B 289 -3.73 -13.34 19.44
CA ASN B 289 -2.49 -13.73 18.79
C ASN B 289 -2.50 -15.22 18.47
N LYS B 290 -3.03 -16.02 19.40
CA LYS B 290 -3.16 -17.46 19.21
C LYS B 290 -4.09 -17.73 18.02
N GLU B 291 -5.22 -17.01 17.96
CA GLU B 291 -6.21 -17.18 16.90
C GLU B 291 -5.59 -16.85 15.54
N LEU B 292 -4.76 -15.81 15.49
CA LEU B 292 -4.15 -15.37 14.24
C LEU B 292 -3.13 -16.41 13.75
N GLY B 293 -2.41 -17.03 14.69
CA GLY B 293 -1.51 -18.13 14.38
C GLY B 293 -2.26 -19.30 13.74
N ASN B 294 -3.46 -19.58 14.27
CA ASN B 294 -4.28 -20.69 13.79
C ASN B 294 -4.83 -20.37 12.40
N PHE B 295 -5.19 -19.09 12.18
CA PHE B 295 -5.68 -18.62 10.90
C PHE B 295 -4.69 -18.96 9.79
N PHE B 296 -3.42 -18.61 10.00
CA PHE B 296 -2.39 -18.76 8.97
C PHE B 296 -2.08 -20.24 8.76
N ARG B 297 -2.17 -21.06 9.82
CA ARG B 297 -2.01 -22.50 9.71
C ARG B 297 -3.10 -23.08 8.81
N ASN B 298 -4.35 -22.64 9.01
CA ASN B 298 -5.47 -23.13 8.23
C ASN B 298 -5.38 -22.65 6.79
N LEU B 299 -4.70 -21.52 6.56
CA LEU B 299 -4.53 -20.97 5.23
C LEU B 299 -3.41 -21.69 4.48
N TRP B 300 -2.22 -21.75 5.10
CA TRP B 300 -1.02 -22.20 4.43
C TRP B 300 -0.76 -23.70 4.65
N GLY B 301 -1.12 -24.20 5.84
CA GLY B 301 -0.98 -25.61 6.16
C GLY B 301 0.20 -25.88 7.09
N PRO B 302 0.89 -27.04 6.95
CA PRO B 302 1.90 -27.46 7.92
C PRO B 302 3.22 -26.68 7.89
N TYR B 303 3.49 -25.99 6.77
CA TYR B 303 4.68 -25.14 6.67
C TYR B 303 4.26 -23.68 6.68
N ALA B 304 3.33 -23.32 7.57
CA ALA B 304 2.78 -21.97 7.64
C ALA B 304 3.84 -20.98 8.09
N GLY B 305 4.76 -21.42 8.97
CA GLY B 305 5.86 -20.61 9.44
C GLY B 305 6.82 -20.21 8.32
N TRP B 306 7.01 -21.13 7.36
CA TRP B 306 7.89 -20.88 6.22
C TRP B 306 7.27 -19.85 5.29
N ALA B 307 5.93 -19.92 5.14
CA ALA B 307 5.20 -18.98 4.30
C ALA B 307 5.27 -17.58 4.88
N GLN B 308 5.12 -17.49 6.21
CA GLN B 308 5.21 -16.22 6.94
C GLN B 308 6.54 -15.53 6.61
N ALA B 309 7.63 -16.30 6.64
CA ALA B 309 8.97 -15.78 6.48
C ALA B 309 9.12 -15.07 5.14
N VAL B 310 8.43 -15.57 4.11
CA VAL B 310 8.46 -14.97 2.78
C VAL B 310 7.83 -13.58 2.86
N LEU B 311 6.68 -13.47 3.55
CA LEU B 311 6.01 -12.20 3.74
C LEU B 311 6.82 -11.32 4.69
N PHE B 312 7.42 -11.95 5.71
CA PHE B 312 8.22 -11.25 6.71
C PHE B 312 9.42 -10.59 6.03
N SER B 313 10.06 -11.33 5.12
CA SER B 313 11.23 -10.85 4.41
C SER B 313 10.84 -9.78 3.37
N ALA B 314 9.63 -9.91 2.83
CA ALA B 314 9.13 -8.99 1.81
C ALA B 314 8.67 -7.68 2.43
N ASP B 315 8.25 -7.73 3.70
CA ASP B 315 7.70 -6.57 4.39
C ASP B 315 8.82 -5.59 4.76
N LEU B 316 10.05 -6.10 4.91
CA LEU B 316 11.21 -5.27 5.17
C LEU B 316 11.58 -4.49 3.91
N ARG B 317 11.74 -5.21 2.80
CA ARG B 317 12.06 -4.61 1.51
C ARG B 317 10.77 -4.07 0.88
N GLY C 1 -9.93 -22.10 -51.15
CA GLY C 1 -9.62 -20.74 -50.63
C GLY C 1 -8.19 -20.67 -50.10
N SER C 2 -7.60 -19.46 -50.17
CA SER C 2 -6.24 -19.24 -49.73
C SER C 2 -6.18 -19.25 -48.20
N HIS C 3 -4.97 -19.48 -47.67
CA HIS C 3 -4.70 -19.37 -46.24
C HIS C 3 -4.91 -17.93 -45.83
N MET C 4 -5.75 -17.71 -44.81
CA MET C 4 -6.07 -16.39 -44.32
C MET C 4 -5.35 -16.16 -42.98
N ARG C 5 -4.75 -14.98 -42.84
CA ARG C 5 -3.98 -14.63 -41.66
C ARG C 5 -4.69 -13.50 -40.90
N HIS C 6 -4.22 -13.25 -39.67
CA HIS C 6 -4.69 -12.12 -38.88
C HIS C 6 -4.19 -10.82 -39.52
N ARG C 7 -5.10 -9.87 -39.70
CA ARG C 7 -4.79 -8.61 -40.34
C ARG C 7 -4.16 -7.66 -39.32
N THR C 8 -3.44 -6.66 -39.83
CA THR C 8 -2.97 -5.53 -39.05
C THR C 8 -3.30 -4.24 -39.79
N LEU C 9 -3.14 -3.10 -39.12
CA LEU C 9 -3.57 -1.82 -39.64
C LEU C 9 -2.75 -1.45 -40.88
N SER C 10 -1.48 -1.86 -40.89
CA SER C 10 -0.56 -1.53 -41.98
C SER C 10 -0.67 -2.55 -43.12
N SER C 11 -1.12 -3.77 -42.81
CA SER C 11 -1.09 -4.87 -43.77
C SER C 11 -2.18 -4.71 -44.82
N SER C 12 -3.42 -4.47 -44.38
CA SER C 12 -4.56 -4.41 -45.29
C SER C 12 -5.39 -3.16 -45.05
N PRO C 13 -4.82 -1.94 -45.22
CA PRO C 13 -5.49 -0.70 -44.83
C PRO C 13 -6.85 -0.46 -45.49
N ALA C 14 -7.06 -1.07 -46.66
CA ALA C 14 -8.29 -0.90 -47.41
C ALA C 14 -9.48 -1.56 -46.71
N LEU C 15 -9.20 -2.53 -45.82
CA LEU C 15 -10.24 -3.33 -45.19
C LEU C 15 -10.55 -2.83 -43.78
N TRP C 16 -9.94 -1.72 -43.35
CA TRP C 16 -10.16 -1.16 -42.02
C TRP C 16 -11.09 0.05 -42.10
N ALA C 17 -12.03 0.12 -41.14
CA ALA C 17 -12.80 1.32 -40.87
C ALA C 17 -12.26 1.97 -39.60
N SER C 18 -12.78 3.15 -39.27
CA SER C 18 -12.31 3.89 -38.10
C SER C 18 -13.47 4.57 -37.40
N ILE C 19 -13.62 4.28 -36.10
CA ILE C 19 -14.52 5.01 -35.22
C ILE C 19 -13.70 6.06 -34.47
N PRO C 20 -14.15 7.35 -34.45
CA PRO C 20 -13.42 8.38 -33.72
C PRO C 20 -13.57 8.18 -32.21
N CYS C 21 -12.46 7.83 -31.55
CA CYS C 21 -12.47 7.48 -30.13
C CYS C 21 -11.09 7.69 -29.54
N PRO C 22 -10.90 8.69 -28.64
CA PRO C 22 -9.63 8.88 -27.94
C PRO C 22 -9.26 7.70 -27.03
N ARG C 23 -7.97 7.60 -26.70
CA ARG C 23 -7.47 6.55 -25.83
C ARG C 23 -8.01 6.76 -24.41
N SER C 24 -8.28 8.02 -24.04
CA SER C 24 -8.82 8.36 -22.74
C SER C 24 -10.22 7.76 -22.54
N GLU C 25 -10.96 7.57 -23.65
CA GLU C 25 -12.31 7.04 -23.61
C GLU C 25 -12.30 5.51 -23.60
N LEU C 26 -11.26 4.89 -24.17
CA LEU C 26 -11.19 3.45 -24.27
C LEU C 26 -9.73 3.00 -24.44
N ARG C 27 -9.30 2.08 -23.56
CA ARG C 27 -8.05 1.35 -23.74
C ARG C 27 -8.38 -0.13 -23.88
N LEU C 28 -8.09 -0.69 -25.06
CA LEU C 28 -8.43 -2.06 -25.39
C LEU C 28 -7.67 -3.03 -24.49
N ASP C 29 -6.43 -2.68 -24.13
CA ASP C 29 -5.56 -3.56 -23.37
C ASP C 29 -6.04 -3.71 -21.92
N LEU C 30 -6.89 -2.77 -21.46
CA LEU C 30 -7.44 -2.84 -20.11
C LEU C 30 -8.82 -3.49 -20.12
N VAL C 31 -9.59 -3.28 -21.18
CA VAL C 31 -11.01 -3.65 -21.21
C VAL C 31 -11.18 -5.09 -21.68
N LEU C 32 -10.34 -5.54 -22.63
CA LEU C 32 -10.51 -6.83 -23.26
C LEU C 32 -9.71 -7.92 -22.54
N ALA C 33 -8.99 -7.56 -21.47
CA ALA C 33 -8.13 -8.50 -20.76
C ALA C 33 -8.47 -8.60 -19.27
N SER C 34 -9.36 -7.73 -18.77
CA SER C 34 -9.59 -7.60 -17.34
C SER C 34 -10.84 -8.35 -16.90
N GLY C 35 -11.11 -9.51 -17.53
CA GLY C 35 -12.12 -10.44 -17.04
C GLY C 35 -13.56 -9.98 -17.26
N GLN C 36 -13.78 -9.15 -18.30
CA GLN C 36 -15.12 -8.86 -18.77
C GLN C 36 -15.52 -9.90 -19.80
N SER C 37 -14.75 -9.95 -20.89
CA SER C 37 -14.86 -10.97 -21.92
C SER C 37 -13.63 -11.86 -21.87
N PHE C 38 -13.77 -13.08 -22.39
CA PHE C 38 -12.66 -14.03 -22.47
C PHE C 38 -12.44 -14.44 -23.92
N ARG C 39 -12.98 -13.66 -24.85
CA ARG C 39 -13.05 -14.03 -26.26
C ARG C 39 -12.03 -13.26 -27.09
N TRP C 40 -11.15 -12.50 -26.42
CA TRP C 40 -10.22 -11.61 -27.09
C TRP C 40 -8.78 -12.01 -26.77
N LYS C 41 -7.98 -12.24 -27.83
CA LYS C 41 -6.56 -12.47 -27.69
C LYS C 41 -5.79 -11.41 -28.50
N GLU C 42 -4.59 -11.07 -28.03
CA GLU C 42 -3.69 -10.17 -28.73
C GLU C 42 -2.77 -11.02 -29.62
N GLN C 43 -3.22 -11.27 -30.86
CA GLN C 43 -2.55 -12.18 -31.77
C GLN C 43 -1.26 -11.55 -32.29
N SER C 44 -1.32 -10.26 -32.62
CA SER C 44 -0.13 -9.46 -32.90
C SER C 44 -0.15 -8.22 -32.00
N PRO C 45 1.01 -7.61 -31.70
CA PRO C 45 1.07 -6.47 -30.76
C PRO C 45 0.08 -5.35 -31.09
N ALA C 46 -0.71 -4.96 -30.08
CA ALA C 46 -1.65 -3.85 -30.17
C ALA C 46 -2.81 -4.18 -31.12
N HIS C 47 -3.03 -5.48 -31.40
CA HIS C 47 -4.11 -5.91 -32.27
C HIS C 47 -4.85 -7.07 -31.58
N TRP C 48 -6.14 -6.86 -31.28
CA TRP C 48 -6.93 -7.82 -30.54
C TRP C 48 -7.95 -8.48 -31.47
N SER C 49 -7.91 -9.82 -31.54
CA SER C 49 -8.80 -10.59 -32.38
C SER C 49 -9.76 -11.41 -31.52
N GLY C 50 -11.03 -11.48 -31.94
CA GLY C 50 -12.05 -12.17 -31.17
C GLY C 50 -13.40 -12.18 -31.87
N VAL C 51 -14.30 -13.05 -31.39
CA VAL C 51 -15.61 -13.24 -31.97
C VAL C 51 -16.57 -12.19 -31.40
N LEU C 52 -17.56 -11.80 -32.22
CA LEU C 52 -18.59 -10.86 -31.82
C LEU C 52 -19.83 -11.09 -32.69
N ALA C 53 -20.79 -11.83 -32.14
CA ALA C 53 -22.06 -12.12 -32.79
C ALA C 53 -21.83 -12.84 -34.13
N ASP C 54 -21.18 -14.00 -34.05
CA ASP C 54 -20.93 -14.87 -35.20
C ASP C 54 -20.14 -14.12 -36.27
N GLN C 55 -19.19 -13.28 -35.84
CA GLN C 55 -18.28 -12.58 -36.73
C GLN C 55 -16.98 -12.30 -35.99
N VAL C 56 -15.84 -12.63 -36.62
CA VAL C 56 -14.53 -12.34 -36.05
C VAL C 56 -14.16 -10.90 -36.38
N TRP C 57 -13.66 -10.18 -35.37
CA TRP C 57 -13.13 -8.84 -35.55
C TRP C 57 -11.67 -8.81 -35.11
N THR C 58 -10.90 -7.87 -35.69
CA THR C 58 -9.61 -7.47 -35.13
C THR C 58 -9.64 -5.97 -34.86
N LEU C 59 -9.21 -5.60 -33.64
CA LEU C 59 -9.33 -4.23 -33.16
C LEU C 59 -7.95 -3.69 -32.79
N THR C 60 -7.71 -2.43 -33.18
CA THR C 60 -6.52 -1.69 -32.78
C THR C 60 -6.90 -0.22 -32.61
N GLN C 61 -5.97 0.58 -32.08
CA GLN C 61 -6.26 1.98 -31.79
C GLN C 61 -4.99 2.81 -31.82
N THR C 62 -5.17 4.12 -32.03
CA THR C 62 -4.13 5.11 -31.86
C THR C 62 -4.61 6.11 -30.81
N GLU C 63 -4.03 7.32 -30.81
CA GLU C 63 -4.38 8.35 -29.84
C GLU C 63 -5.85 8.74 -29.98
N ASP C 64 -6.32 8.88 -31.23
CA ASP C 64 -7.60 9.51 -31.50
C ASP C 64 -8.58 8.55 -32.20
N GLN C 65 -8.10 7.42 -32.72
CA GLN C 65 -8.92 6.58 -33.59
C GLN C 65 -8.97 5.15 -33.05
N LEU C 66 -10.13 4.50 -33.24
CA LEU C 66 -10.31 3.08 -32.99
C LEU C 66 -10.50 2.37 -34.33
N TYR C 67 -9.43 1.72 -34.82
CA TYR C 67 -9.46 1.04 -36.10
C TYR C 67 -9.95 -0.40 -35.91
N CYS C 68 -10.92 -0.79 -36.74
CA CYS C 68 -11.54 -2.11 -36.66
C CYS C 68 -11.65 -2.73 -38.05
N THR C 69 -11.63 -4.06 -38.10
CA THR C 69 -11.82 -4.81 -39.33
C THR C 69 -12.64 -6.07 -39.03
N VAL C 70 -13.45 -6.48 -40.00
CA VAL C 70 -14.29 -7.66 -39.87
C VAL C 70 -13.87 -8.67 -40.94
N TYR C 71 -13.85 -9.96 -40.56
CA TYR C 71 -13.45 -11.03 -41.46
C TYR C 71 -14.69 -11.68 -42.06
N ARG C 72 -14.59 -12.02 -43.34
CA ARG C 72 -15.67 -12.66 -44.08
C ARG C 72 -15.15 -13.95 -44.69
N GLY C 73 -16.06 -14.88 -45.00
CA GLY C 73 -15.69 -16.18 -45.56
C GLY C 73 -14.96 -16.03 -46.90
N ASP C 74 -15.60 -15.33 -47.84
CA ASP C 74 -15.02 -15.08 -49.16
C ASP C 74 -14.10 -13.85 -49.06
N VAL C 78 -13.97 -9.73 -49.74
CA VAL C 78 -13.62 -9.07 -48.45
C VAL C 78 -13.63 -7.56 -48.65
N SER C 79 -14.08 -6.83 -47.62
CA SER C 79 -14.23 -5.39 -47.69
C SER C 79 -14.29 -4.80 -46.28
N ARG C 80 -14.51 -3.47 -46.20
CA ARG C 80 -14.60 -2.76 -44.94
C ARG C 80 -15.83 -3.20 -44.16
N PRO C 81 -15.90 -2.92 -42.84
CA PRO C 81 -17.15 -3.04 -42.09
C PRO C 81 -18.18 -2.01 -42.54
N THR C 82 -19.46 -2.40 -42.54
CA THR C 82 -20.55 -1.52 -42.93
C THR C 82 -20.87 -0.55 -41.81
N LEU C 83 -21.74 0.43 -42.09
CA LEU C 83 -22.17 1.40 -41.09
C LEU C 83 -23.00 0.68 -40.02
N GLU C 84 -23.73 -0.37 -40.42
CA GLU C 84 -24.53 -1.17 -39.51
C GLU C 84 -23.63 -1.88 -38.50
N GLU C 85 -22.49 -2.41 -38.98
CA GLU C 85 -21.58 -3.19 -38.17
C GLU C 85 -20.75 -2.26 -37.27
N LEU C 86 -20.53 -1.02 -37.72
CA LEU C 86 -19.84 -0.02 -36.93
C LEU C 86 -20.69 0.41 -35.74
N GLU C 87 -22.02 0.41 -35.92
CA GLU C 87 -22.95 0.75 -34.86
C GLU C 87 -22.96 -0.36 -33.79
N THR C 88 -22.78 -1.61 -34.23
CA THR C 88 -22.71 -2.74 -33.33
C THR C 88 -21.49 -2.62 -32.42
N LEU C 89 -20.36 -2.20 -33.02
CA LEU C 89 -19.12 -2.03 -32.28
C LEU C 89 -19.21 -0.78 -31.40
N HIS C 90 -19.94 0.24 -31.87
CA HIS C 90 -20.17 1.46 -31.11
C HIS C 90 -20.95 1.15 -29.83
N LYS C 91 -22.01 0.34 -29.97
CA LYS C 91 -22.87 -0.03 -28.85
C LYS C 91 -22.16 -1.03 -27.94
N TYR C 92 -21.27 -1.85 -28.53
CA TYR C 92 -20.53 -2.85 -27.78
C TYR C 92 -19.68 -2.16 -26.72
N PHE C 93 -18.95 -1.11 -27.13
CA PHE C 93 -18.08 -0.36 -26.23
C PHE C 93 -18.85 0.77 -25.53
N GLN C 94 -20.10 1.00 -25.95
CA GLN C 94 -20.97 1.97 -25.29
C GLN C 94 -20.31 3.34 -25.28
N LEU C 95 -20.02 3.86 -26.47
CA LEU C 95 -19.23 5.09 -26.62
C LEU C 95 -20.12 6.32 -26.46
N ASP C 96 -21.43 6.11 -26.25
CA ASP C 96 -22.33 7.18 -25.83
C ASP C 96 -21.89 7.73 -24.47
N VAL C 97 -21.53 6.82 -23.55
CA VAL C 97 -21.21 7.18 -22.18
C VAL C 97 -19.89 7.96 -22.16
N SER C 98 -19.95 9.18 -21.62
CA SER C 98 -18.78 10.02 -21.48
C SER C 98 -17.97 9.60 -20.26
N LEU C 99 -16.77 9.05 -20.50
CA LEU C 99 -15.94 8.49 -19.45
C LEU C 99 -15.20 9.60 -18.72
N ALA C 100 -14.91 10.70 -19.41
CA ALA C 100 -14.21 11.84 -18.83
C ALA C 100 -15.07 12.48 -17.74
N GLN C 101 -16.39 12.52 -17.96
CA GLN C 101 -17.33 13.09 -17.01
C GLN C 101 -17.43 12.20 -15.77
N LEU C 102 -17.54 10.88 -15.99
CA LEU C 102 -17.66 9.91 -14.90
C LEU C 102 -16.42 9.97 -14.01
N TYR C 103 -15.24 9.95 -14.64
CA TYR C 103 -13.98 9.99 -13.91
C TYR C 103 -13.89 11.26 -13.05
N SER C 104 -14.33 12.40 -13.60
CA SER C 104 -14.34 13.65 -12.88
C SER C 104 -15.32 13.59 -11.71
N HIS C 105 -16.48 12.96 -11.94
CA HIS C 105 -17.50 12.80 -10.92
C HIS C 105 -16.96 11.95 -9.77
N TRP C 106 -16.37 10.79 -10.11
CA TRP C 106 -15.88 9.85 -9.12
C TRP C 106 -14.67 10.43 -8.38
N ALA C 107 -13.82 11.16 -9.11
CA ALA C 107 -12.61 11.75 -8.55
C ALA C 107 -12.94 12.85 -7.56
N SER C 108 -14.09 13.52 -7.76
CA SER C 108 -14.51 14.63 -6.91
C SER C 108 -15.12 14.12 -5.59
N VAL C 109 -15.64 12.87 -5.60
CA VAL C 109 -16.34 12.33 -4.45
C VAL C 109 -15.57 11.16 -3.86
N ASP C 110 -14.30 10.97 -4.27
CA ASP C 110 -13.47 9.89 -3.78
C ASP C 110 -12.01 10.21 -4.04
N SER C 111 -11.24 10.37 -2.96
CA SER C 111 -9.82 10.71 -3.04
C SER C 111 -9.02 9.52 -3.56
N HIS C 112 -9.40 8.31 -3.14
CA HIS C 112 -8.68 7.10 -3.51
C HIS C 112 -8.72 6.90 -5.02
N PHE C 113 -9.92 7.07 -5.61
CA PHE C 113 -10.11 6.91 -7.04
C PHE C 113 -9.28 7.92 -7.81
N GLN C 114 -9.16 9.14 -7.26
CA GLN C 114 -8.46 10.24 -7.92
C GLN C 114 -7.05 9.81 -8.30
N ARG C 115 -6.30 9.26 -7.32
CA ARG C 115 -4.90 8.91 -7.52
C ARG C 115 -4.78 7.61 -8.33
N VAL C 116 -5.75 6.71 -8.19
CA VAL C 116 -5.68 5.39 -8.82
C VAL C 116 -6.03 5.50 -10.31
N ALA C 117 -7.03 6.33 -10.63
CA ALA C 117 -7.65 6.33 -11.95
C ALA C 117 -6.80 7.04 -12.99
N GLN C 118 -5.77 7.78 -12.56
CA GLN C 118 -4.93 8.53 -13.48
C GLN C 118 -4.15 7.58 -14.40
N LYS C 119 -3.69 6.45 -13.85
CA LYS C 119 -2.89 5.50 -14.59
C LYS C 119 -3.77 4.44 -15.27
N PHE C 120 -5.08 4.48 -15.02
CA PHE C 120 -6.00 3.50 -15.57
C PHE C 120 -7.22 4.22 -16.16
N GLN C 121 -6.97 5.06 -17.17
CA GLN C 121 -8.03 5.71 -17.92
C GLN C 121 -8.49 4.79 -19.05
N GLY C 122 -9.69 5.05 -19.57
CA GLY C 122 -10.22 4.30 -20.70
C GLY C 122 -10.80 2.95 -20.29
N VAL C 123 -10.96 2.73 -18.97
CA VAL C 123 -11.57 1.51 -18.47
C VAL C 123 -13.08 1.71 -18.46
N ARG C 124 -13.76 1.04 -19.40
CA ARG C 124 -15.20 1.04 -19.51
C ARG C 124 -15.69 -0.40 -19.56
N LEU C 125 -17.02 -0.59 -19.58
CA LEU C 125 -17.58 -1.93 -19.65
C LEU C 125 -18.16 -2.19 -21.03
N LEU C 126 -18.06 -3.46 -21.44
CA LEU C 126 -18.61 -3.94 -22.70
C LEU C 126 -20.09 -4.24 -22.51
N ARG C 127 -20.89 -3.94 -23.54
CA ARG C 127 -22.29 -4.33 -23.59
C ARG C 127 -22.38 -5.71 -24.23
N GLN C 128 -22.13 -6.74 -23.41
CA GLN C 128 -21.98 -8.11 -23.91
C GLN C 128 -23.35 -8.70 -24.19
N ASP C 129 -23.33 -9.85 -24.90
CA ASP C 129 -24.54 -10.62 -25.18
C ASP C 129 -24.98 -11.30 -23.89
N PRO C 130 -26.26 -11.12 -23.46
CA PRO C 130 -26.78 -11.79 -22.26
C PRO C 130 -26.45 -13.28 -22.13
N THR C 131 -26.62 -14.02 -23.23
CA THR C 131 -26.42 -15.47 -23.22
C THR C 131 -24.94 -15.79 -23.03
N GLU C 132 -24.08 -15.17 -23.84
CA GLU C 132 -22.65 -15.40 -23.79
C GLU C 132 -22.10 -15.01 -22.42
N CYS C 133 -22.62 -13.91 -21.87
CA CYS C 133 -22.14 -13.39 -20.59
C CYS C 133 -22.49 -14.35 -19.45
N LEU C 134 -23.68 -14.97 -19.53
CA LEU C 134 -24.20 -15.79 -18.44
C LEU C 134 -23.30 -17.00 -18.22
N PHE C 135 -23.15 -17.83 -19.25
CA PHE C 135 -22.56 -19.16 -19.11
C PHE C 135 -21.05 -19.06 -18.95
N SER C 136 -20.46 -17.93 -19.39
CA SER C 136 -19.04 -17.71 -19.27
C SER C 136 -18.63 -17.58 -17.80
N PHE C 137 -19.48 -16.92 -17.00
CA PHE C 137 -19.17 -16.62 -15.61
C PHE C 137 -19.54 -17.78 -14.69
N ILE C 138 -20.17 -18.83 -15.25
CA ILE C 138 -20.43 -20.05 -14.50
C ILE C 138 -19.13 -20.83 -14.33
N CYS C 139 -18.17 -20.60 -15.23
CA CYS C 139 -16.89 -21.30 -15.21
C CYS C 139 -15.89 -20.61 -14.27
N SER C 140 -16.31 -19.49 -13.66
CA SER C 140 -15.42 -18.64 -12.87
C SER C 140 -15.07 -19.29 -11.53
N SER C 141 -15.94 -20.17 -11.04
CA SER C 141 -15.81 -20.76 -9.72
C SER C 141 -14.41 -21.32 -9.50
N ASN C 142 -13.61 -20.59 -8.70
CA ASN C 142 -12.31 -21.04 -8.22
C ASN C 142 -11.27 -21.03 -9.33
N ASN C 143 -11.55 -20.32 -10.43
CA ASN C 143 -10.69 -20.33 -11.61
C ASN C 143 -10.15 -18.92 -11.85
N ASN C 144 -8.91 -18.84 -12.34
CA ASN C 144 -8.30 -17.59 -12.77
C ASN C 144 -8.71 -17.33 -14.22
N ILE C 145 -8.30 -16.18 -14.75
CA ILE C 145 -8.73 -15.71 -16.06
C ILE C 145 -8.17 -16.64 -17.15
N ALA C 146 -6.95 -17.13 -16.96
CA ALA C 146 -6.23 -17.90 -17.97
C ALA C 146 -6.98 -19.18 -18.31
N ARG C 147 -7.40 -19.93 -17.28
CA ARG C 147 -8.00 -21.24 -17.46
C ARG C 147 -9.47 -21.11 -17.90
N ILE C 148 -10.11 -19.98 -17.57
CA ILE C 148 -11.47 -19.72 -18.00
C ILE C 148 -11.50 -19.47 -19.50
N THR C 149 -10.47 -18.78 -20.02
CA THR C 149 -10.37 -18.43 -21.42
C THR C 149 -10.33 -19.70 -22.28
N GLY C 150 -9.55 -20.70 -21.82
CA GLY C 150 -9.47 -21.98 -22.50
C GLY C 150 -10.81 -22.72 -22.48
N MET C 151 -11.45 -22.75 -21.29
CA MET C 151 -12.69 -23.47 -21.09
C MET C 151 -13.78 -22.91 -22.01
N VAL C 152 -13.86 -21.58 -22.10
CA VAL C 152 -14.89 -20.90 -22.87
C VAL C 152 -14.70 -21.18 -24.36
N GLU C 153 -13.45 -21.29 -24.81
CA GLU C 153 -13.14 -21.50 -26.21
C GLU C 153 -13.50 -22.92 -26.61
N ARG C 154 -13.18 -23.89 -25.73
CA ARG C 154 -13.48 -25.30 -25.99
C ARG C 154 -14.98 -25.54 -25.93
N LEU C 155 -15.70 -24.73 -25.14
CA LEU C 155 -17.15 -24.76 -25.12
C LEU C 155 -17.70 -24.37 -26.49
N CYS C 156 -17.09 -23.34 -27.10
CA CYS C 156 -17.54 -22.83 -28.38
C CYS C 156 -17.13 -23.77 -29.52
N GLN C 157 -15.99 -24.46 -29.37
CA GLN C 157 -15.55 -25.44 -30.36
C GLN C 157 -16.58 -26.55 -30.49
N ALA C 158 -16.98 -27.12 -29.35
CA ALA C 158 -17.85 -28.29 -29.31
C ALA C 158 -19.25 -27.94 -29.80
N PHE C 159 -19.91 -27.02 -29.08
CA PHE C 159 -21.33 -26.76 -29.27
C PHE C 159 -21.56 -25.62 -30.26
N GLY C 160 -20.56 -24.76 -30.46
CA GLY C 160 -20.73 -23.56 -31.26
C GLY C 160 -20.41 -23.79 -32.74
N PRO C 161 -21.03 -23.02 -33.66
CA PRO C 161 -20.79 -23.16 -35.10
C PRO C 161 -19.45 -22.55 -35.54
N ARG C 162 -18.75 -23.26 -36.43
CA ARG C 162 -17.47 -22.80 -36.96
C ARG C 162 -17.70 -21.60 -37.85
N LEU C 163 -16.85 -20.57 -37.70
CA LEU C 163 -17.00 -19.32 -38.43
C LEU C 163 -15.91 -19.22 -39.50
N ILE C 164 -14.63 -19.23 -39.07
CA ILE C 164 -13.51 -18.98 -39.95
C ILE C 164 -12.22 -19.40 -39.24
N GLN C 165 -11.18 -19.69 -40.04
CA GLN C 165 -9.85 -19.98 -39.53
C GLN C 165 -8.91 -18.84 -39.93
N LEU C 166 -8.17 -18.32 -38.94
CA LEU C 166 -7.12 -17.34 -39.17
C LEU C 166 -5.82 -17.87 -38.54
N ASP C 167 -4.77 -17.94 -39.36
CA ASP C 167 -3.51 -18.56 -38.97
C ASP C 167 -3.80 -19.98 -38.49
N ASP C 168 -3.63 -20.23 -37.17
CA ASP C 168 -3.74 -21.58 -36.63
C ASP C 168 -4.89 -21.63 -35.62
N VAL C 169 -5.82 -20.66 -35.74
CA VAL C 169 -6.89 -20.49 -34.76
C VAL C 169 -8.23 -20.64 -35.47
N THR C 170 -9.11 -21.48 -34.91
CA THR C 170 -10.43 -21.72 -35.47
C THR C 170 -11.48 -21.04 -34.59
N TYR C 171 -12.06 -19.96 -35.11
CA TYR C 171 -13.06 -19.19 -34.39
C TYR C 171 -14.43 -19.83 -34.55
N HIS C 172 -15.05 -20.20 -33.42
CA HIS C 172 -16.43 -20.64 -33.39
C HIS C 172 -17.27 -19.60 -32.66
N GLY C 173 -18.54 -19.49 -33.06
CA GLY C 173 -19.50 -18.64 -32.36
C GLY C 173 -19.90 -19.25 -31.01
N PHE C 174 -20.53 -18.45 -30.16
CA PHE C 174 -20.97 -18.93 -28.85
C PHE C 174 -22.23 -19.76 -29.03
N PRO C 175 -22.32 -20.96 -28.40
CA PRO C 175 -23.46 -21.86 -28.58
C PRO C 175 -24.82 -21.21 -28.32
N ASN C 176 -25.85 -21.68 -29.05
CA ASN C 176 -27.22 -21.27 -28.83
C ASN C 176 -27.78 -22.03 -27.64
N LEU C 177 -28.97 -21.63 -27.19
CA LEU C 177 -29.61 -22.21 -26.01
C LEU C 177 -29.96 -23.68 -26.26
N HIS C 178 -30.44 -23.98 -27.48
CA HIS C 178 -30.90 -25.30 -27.83
C HIS C 178 -29.74 -26.31 -27.84
N ALA C 179 -28.53 -25.83 -28.14
CA ALA C 179 -27.35 -26.68 -28.14
C ALA C 179 -26.94 -27.05 -26.72
N LEU C 180 -26.96 -26.05 -25.82
CA LEU C 180 -26.52 -26.23 -24.45
C LEU C 180 -27.56 -26.99 -23.63
N ALA C 181 -28.83 -26.96 -24.09
CA ALA C 181 -29.91 -27.64 -23.39
C ALA C 181 -30.24 -28.98 -24.06
N GLY C 182 -29.23 -29.60 -24.69
CA GLY C 182 -29.41 -30.88 -25.35
C GLY C 182 -29.52 -32.03 -24.36
N PRO C 183 -29.97 -33.23 -24.81
CA PRO C 183 -30.14 -34.37 -23.91
C PRO C 183 -28.81 -34.94 -23.37
N GLU C 184 -27.78 -34.95 -24.23
CA GLU C 184 -26.43 -35.31 -23.81
C GLU C 184 -25.55 -34.07 -23.84
N ALA C 185 -26.02 -33.00 -23.20
CA ALA C 185 -25.28 -31.75 -23.11
C ALA C 185 -24.28 -31.82 -21.96
N GLU C 186 -24.69 -32.48 -20.87
CA GLU C 186 -23.86 -32.63 -19.68
C GLU C 186 -22.78 -33.69 -19.93
N THR C 187 -23.03 -34.58 -20.90
CA THR C 187 -22.11 -35.65 -21.23
C THR C 187 -20.82 -35.08 -21.80
N HIS C 188 -20.95 -34.16 -22.77
CA HIS C 188 -19.82 -33.66 -23.54
C HIS C 188 -18.98 -32.68 -22.72
N LEU C 189 -19.66 -31.79 -21.97
CA LEU C 189 -19.00 -30.75 -21.20
C LEU C 189 -18.15 -31.35 -20.09
N ARG C 190 -18.61 -32.48 -19.53
CA ARG C 190 -17.92 -33.15 -18.44
C ARG C 190 -16.54 -33.63 -18.92
N LYS C 191 -16.46 -34.05 -20.19
CA LYS C 191 -15.23 -34.57 -20.77
C LYS C 191 -14.18 -33.45 -20.86
N LEU C 192 -14.62 -32.26 -21.28
CA LEU C 192 -13.73 -31.13 -21.48
C LEU C 192 -13.07 -30.74 -20.16
N GLY C 193 -13.89 -30.36 -19.18
CA GLY C 193 -13.40 -29.95 -17.87
C GLY C 193 -14.24 -28.81 -17.28
N LEU C 194 -15.54 -29.05 -17.16
CA LEU C 194 -16.47 -28.09 -16.57
C LEU C 194 -16.73 -28.43 -15.10
N GLY C 195 -16.50 -29.71 -14.74
CA GLY C 195 -16.67 -30.15 -13.36
C GLY C 195 -18.15 -30.25 -12.97
N TYR C 196 -18.60 -29.30 -12.15
CA TYR C 196 -19.97 -29.24 -11.68
C TYR C 196 -20.75 -28.17 -12.44
N ARG C 197 -20.03 -27.33 -13.20
CA ARG C 197 -20.64 -26.25 -13.96
C ARG C 197 -21.46 -26.82 -15.12
N ALA C 198 -21.04 -27.99 -15.63
CA ALA C 198 -21.72 -28.66 -16.73
C ALA C 198 -23.19 -28.91 -16.40
N ARG C 199 -23.46 -29.21 -15.12
CA ARG C 199 -24.82 -29.51 -14.67
C ARG C 199 -25.70 -28.27 -14.75
N TYR C 200 -25.16 -27.11 -14.31
CA TYR C 200 -25.91 -25.87 -14.26
C TYR C 200 -26.15 -25.32 -15.67
N VAL C 201 -25.25 -25.64 -16.60
CA VAL C 201 -25.35 -25.18 -17.99
C VAL C 201 -26.59 -25.81 -18.64
N ARG C 202 -26.77 -27.13 -18.44
CA ARG C 202 -27.87 -27.86 -19.04
C ARG C 202 -29.20 -27.37 -18.46
N ALA C 203 -29.22 -27.13 -17.14
CA ALA C 203 -30.42 -26.75 -16.43
C ALA C 203 -30.81 -25.32 -16.76
N SER C 204 -29.83 -24.39 -16.65
CA SER C 204 -30.07 -22.97 -16.87
C SER C 204 -30.54 -22.71 -18.30
N ALA C 205 -30.03 -23.50 -19.25
CA ALA C 205 -30.44 -23.40 -20.64
C ALA C 205 -31.85 -23.94 -20.83
N LYS C 206 -32.17 -25.03 -20.11
CA LYS C 206 -33.46 -25.68 -20.21
C LYS C 206 -34.56 -24.79 -19.60
N ALA C 207 -34.22 -24.07 -18.52
CA ALA C 207 -35.18 -23.24 -17.80
C ALA C 207 -35.65 -22.07 -18.67
N ILE C 208 -34.72 -21.51 -19.47
CA ILE C 208 -35.03 -20.40 -20.35
C ILE C 208 -35.92 -20.90 -21.49
N LEU C 209 -35.63 -22.10 -21.99
CA LEU C 209 -36.46 -22.75 -22.99
C LEU C 209 -37.61 -23.48 -22.31
N PRO C 215 -34.77 -16.93 -24.40
CA PRO C 215 -34.00 -16.07 -25.31
C PRO C 215 -34.43 -14.60 -25.21
N ALA C 216 -35.73 -14.35 -25.44
CA ALA C 216 -36.30 -13.01 -25.36
C ALA C 216 -36.58 -12.63 -23.91
N TRP C 217 -36.58 -13.63 -23.01
CA TRP C 217 -36.75 -13.42 -21.59
C TRP C 217 -35.57 -12.62 -21.04
N LEU C 218 -34.36 -12.93 -21.51
CA LEU C 218 -33.14 -12.26 -21.07
C LEU C 218 -33.14 -10.79 -21.53
N GLN C 219 -33.79 -10.53 -22.67
CA GLN C 219 -33.90 -9.18 -23.21
C GLN C 219 -34.94 -8.38 -22.42
N GLN C 220 -35.87 -9.09 -21.76
CA GLN C 220 -36.88 -8.46 -20.92
C GLN C 220 -36.23 -7.93 -19.64
N LEU C 221 -35.14 -8.57 -19.20
CA LEU C 221 -34.44 -8.18 -17.98
C LEU C 221 -33.62 -6.91 -18.23
N ARG C 222 -33.26 -6.66 -19.50
CA ARG C 222 -32.49 -5.48 -19.88
C ARG C 222 -33.33 -4.23 -19.64
N VAL C 223 -34.64 -4.31 -19.92
CA VAL C 223 -35.55 -3.18 -19.77
C VAL C 223 -36.13 -3.17 -18.36
N ALA C 224 -36.28 -4.35 -17.75
CA ALA C 224 -36.80 -4.47 -16.39
C ALA C 224 -35.84 -3.81 -15.41
N PRO C 225 -36.30 -3.37 -14.21
CA PRO C 225 -35.42 -2.70 -13.25
C PRO C 225 -34.35 -3.61 -12.68
N TYR C 226 -33.36 -2.99 -12.03
CA TYR C 226 -32.19 -3.68 -11.51
C TYR C 226 -32.60 -4.75 -10.50
N GLU C 227 -33.53 -4.41 -9.60
CA GLU C 227 -33.94 -5.30 -8.52
C GLU C 227 -34.66 -6.52 -9.08
N GLU C 228 -35.49 -6.31 -10.11
CA GLU C 228 -36.23 -7.40 -10.75
C GLU C 228 -35.25 -8.31 -11.51
N ALA C 229 -34.25 -7.69 -12.15
CA ALA C 229 -33.29 -8.42 -12.96
C ALA C 229 -32.40 -9.31 -12.09
N HIS C 230 -31.89 -8.73 -10.99
CA HIS C 230 -31.01 -9.45 -10.07
C HIS C 230 -31.75 -10.63 -9.46
N LYS C 231 -33.02 -10.40 -9.08
CA LYS C 231 -33.86 -11.42 -8.48
C LYS C 231 -34.09 -12.56 -9.48
N ALA C 232 -34.38 -12.19 -10.73
CA ALA C 232 -34.79 -13.15 -11.75
C ALA C 232 -33.64 -14.07 -12.15
N LEU C 233 -32.41 -13.54 -12.12
CA LEU C 233 -31.23 -14.30 -12.51
C LEU C 233 -30.88 -15.34 -11.44
N CYS C 234 -31.14 -15.01 -10.18
CA CYS C 234 -30.78 -15.87 -9.05
C CYS C 234 -31.65 -17.13 -9.01
N THR C 235 -32.81 -17.07 -9.67
CA THR C 235 -33.70 -18.22 -9.79
C THR C 235 -32.99 -19.37 -10.50
N LEU C 236 -32.18 -19.04 -11.52
CA LEU C 236 -31.54 -20.03 -12.37
C LEU C 236 -30.49 -20.79 -11.57
N PRO C 237 -30.48 -22.14 -11.62
CA PRO C 237 -29.44 -22.95 -10.96
C PRO C 237 -28.03 -22.54 -11.38
N GLY C 238 -27.14 -22.40 -10.40
CA GLY C 238 -25.75 -22.05 -10.64
C GLY C 238 -25.46 -20.57 -10.38
N VAL C 239 -26.48 -19.72 -10.57
CA VAL C 239 -26.33 -18.27 -10.46
C VAL C 239 -26.30 -17.89 -8.99
N GLY C 240 -25.14 -17.42 -8.52
CA GLY C 240 -24.97 -16.98 -7.14
C GLY C 240 -25.29 -15.49 -6.99
N ALA C 241 -24.57 -14.82 -6.07
CA ALA C 241 -24.75 -13.41 -5.80
C ALA C 241 -23.85 -12.58 -6.71
N LYS C 242 -22.59 -13.02 -6.84
CA LYS C 242 -21.59 -12.34 -7.66
C LYS C 242 -22.00 -12.37 -9.13
N VAL C 243 -22.40 -13.56 -9.60
CA VAL C 243 -22.64 -13.81 -11.02
C VAL C 243 -23.81 -12.96 -11.50
N ALA C 244 -24.84 -12.83 -10.65
CA ALA C 244 -26.05 -12.10 -11.00
C ALA C 244 -25.73 -10.62 -11.27
N ASP C 245 -24.89 -10.04 -10.42
CA ASP C 245 -24.54 -8.62 -10.52
C ASP C 245 -23.64 -8.38 -11.72
N CYS C 246 -22.74 -9.34 -12.01
CA CYS C 246 -21.87 -9.26 -13.16
C CYS C 246 -22.69 -9.16 -14.44
N ILE C 247 -23.68 -10.04 -14.58
CA ILE C 247 -24.52 -10.13 -15.77
C ILE C 247 -25.38 -8.87 -15.86
N CYS C 248 -25.93 -8.43 -14.73
CA CYS C 248 -26.71 -7.20 -14.66
C CYS C 248 -25.87 -6.02 -15.17
N LEU C 249 -24.65 -5.92 -14.65
CA LEU C 249 -23.76 -4.80 -14.94
C LEU C 249 -23.29 -4.85 -16.39
N MET C 250 -22.85 -6.03 -16.83
CA MET C 250 -22.13 -6.17 -18.09
C MET C 250 -23.10 -6.36 -19.25
N ALA C 251 -24.17 -7.14 -19.03
CA ALA C 251 -25.05 -7.58 -20.11
C ALA C 251 -26.35 -6.78 -20.15
N LEU C 252 -26.94 -6.50 -18.97
CA LEU C 252 -28.31 -6.04 -18.89
C LEU C 252 -28.39 -4.54 -18.58
N ASP C 253 -27.32 -3.79 -18.89
CA ASP C 253 -27.33 -2.34 -18.84
C ASP C 253 -27.76 -1.86 -17.45
N LYS C 254 -27.10 -2.36 -16.41
CA LYS C 254 -27.31 -1.91 -15.04
C LYS C 254 -25.99 -1.34 -14.51
N PRO C 255 -25.63 -0.08 -14.86
CA PRO C 255 -24.35 0.50 -14.44
C PRO C 255 -24.19 0.63 -12.93
N GLN C 256 -25.31 0.66 -12.19
CA GLN C 256 -25.29 0.81 -10.75
C GLN C 256 -24.91 -0.51 -10.06
N ALA C 257 -25.10 -1.63 -10.76
CA ALA C 257 -24.83 -2.95 -10.19
C ALA C 257 -23.35 -3.08 -9.87
N VAL C 258 -23.05 -3.49 -8.63
CA VAL C 258 -21.68 -3.61 -8.13
C VAL C 258 -21.49 -5.03 -7.60
N PRO C 259 -20.92 -5.97 -8.39
CA PRO C 259 -20.72 -7.35 -7.94
C PRO C 259 -19.65 -7.45 -6.86
N VAL C 260 -19.96 -8.20 -5.80
CA VAL C 260 -19.11 -8.26 -4.62
C VAL C 260 -18.54 -9.67 -4.47
N ASP C 261 -17.22 -9.78 -4.63
CA ASP C 261 -16.47 -11.00 -4.40
C ASP C 261 -15.43 -10.73 -3.30
N VAL C 262 -14.42 -11.60 -3.21
CA VAL C 262 -13.41 -11.51 -2.16
C VAL C 262 -12.36 -10.47 -2.55
N HIS C 263 -12.23 -10.18 -3.85
CA HIS C 263 -11.24 -9.25 -4.35
C HIS C 263 -11.62 -7.81 -3.99
N VAL C 264 -12.89 -7.45 -4.21
CA VAL C 264 -13.38 -6.10 -3.94
C VAL C 264 -13.59 -5.92 -2.44
N TRP C 265 -13.77 -7.03 -1.72
CA TRP C 265 -13.85 -6.99 -0.27
C TRP C 265 -12.50 -6.55 0.31
N GLN C 266 -11.42 -6.98 -0.33
CA GLN C 266 -10.07 -6.61 0.07
C GLN C 266 -9.84 -5.12 -0.18
N ILE C 267 -10.32 -4.63 -1.33
CA ILE C 267 -10.16 -3.22 -1.70
C ILE C 267 -10.96 -2.35 -0.73
N ALA C 268 -12.21 -2.75 -0.46
CA ALA C 268 -13.11 -2.01 0.41
C ALA C 268 -12.49 -1.81 1.79
N HIS C 269 -11.96 -2.91 2.35
CA HIS C 269 -11.40 -2.90 3.70
C HIS C 269 -10.10 -2.11 3.74
N ARG C 270 -9.17 -2.44 2.83
CA ARG C 270 -7.83 -1.89 2.87
C ARG C 270 -7.84 -0.41 2.51
N ASP C 271 -8.57 -0.06 1.45
CA ASP C 271 -8.44 1.24 0.82
C ASP C 271 -9.57 2.20 1.24
N TYR C 272 -10.72 1.65 1.66
CA TYR C 272 -11.84 2.48 2.09
C TYR C 272 -12.12 2.32 3.59
N GLY C 273 -11.47 1.34 4.23
CA GLY C 273 -11.63 1.14 5.67
C GLY C 273 -13.05 0.72 6.06
N TRP C 274 -13.72 -0.01 5.15
CA TRP C 274 -15.11 -0.40 5.35
C TRP C 274 -15.17 -1.74 6.07
N HIS C 275 -16.12 -1.86 7.01
CA HIS C 275 -16.44 -3.13 7.66
C HIS C 275 -17.95 -3.35 7.55
N PRO C 276 -18.46 -4.59 7.73
CA PRO C 276 -19.89 -4.84 7.76
C PRO C 276 -20.53 -4.25 9.02
N LYS C 277 -21.28 -3.16 8.83
CA LYS C 277 -21.84 -2.39 9.95
C LYS C 277 -23.26 -2.85 10.24
N THR C 278 -23.47 -4.17 10.31
CA THR C 278 -24.72 -4.76 10.78
C THR C 278 -24.42 -5.90 11.76
N SER C 279 -23.20 -5.93 12.30
CA SER C 279 -22.79 -6.87 13.35
C SER C 279 -22.86 -8.31 12.85
N GLN C 280 -21.69 -8.89 12.56
CA GLN C 280 -21.59 -10.28 12.15
C GLN C 280 -20.15 -10.77 12.32
N GLY C 283 -16.10 -12.55 8.49
CA GLY C 283 -15.75 -12.67 7.07
C GLY C 283 -16.88 -12.22 6.16
N PRO C 284 -16.76 -12.44 4.82
CA PRO C 284 -17.83 -12.13 3.87
C PRO C 284 -19.10 -12.95 4.10
N SER C 285 -20.25 -12.36 3.72
CA SER C 285 -21.54 -13.03 3.82
C SER C 285 -22.53 -12.35 2.88
N PRO C 286 -23.63 -13.05 2.48
CA PRO C 286 -24.63 -12.45 1.59
C PRO C 286 -25.17 -11.09 2.05
N LEU C 287 -25.39 -10.95 3.36
CA LEU C 287 -25.93 -9.72 3.93
C LEU C 287 -24.93 -8.58 3.79
N ALA C 288 -23.67 -8.85 4.16
CA ALA C 288 -22.61 -7.85 4.10
C ALA C 288 -22.28 -7.49 2.66
N ASN C 289 -22.39 -8.47 1.75
CA ASN C 289 -22.09 -8.27 0.34
C ASN C 289 -23.01 -7.20 -0.25
N LYS C 290 -24.30 -7.27 0.08
CA LYS C 290 -25.28 -6.30 -0.40
C LYS C 290 -25.02 -4.93 0.21
N GLU C 291 -24.57 -4.93 1.48
CA GLU C 291 -24.27 -3.70 2.20
C GLU C 291 -23.11 -2.97 1.50
N LEU C 292 -22.12 -3.74 1.04
CA LEU C 292 -20.95 -3.18 0.39
C LEU C 292 -21.32 -2.63 -0.99
N GLY C 293 -22.27 -3.29 -1.65
CA GLY C 293 -22.80 -2.81 -2.93
C GLY C 293 -23.47 -1.44 -2.78
N ASN C 294 -24.27 -1.30 -1.72
CA ASN C 294 -24.98 -0.06 -1.44
C ASN C 294 -23.99 1.05 -1.09
N PHE C 295 -22.93 0.68 -0.36
CA PHE C 295 -21.87 1.63 0.01
C PHE C 295 -21.27 2.26 -1.24
N PHE C 296 -21.03 1.45 -2.27
CA PHE C 296 -20.37 1.90 -3.49
C PHE C 296 -21.35 2.66 -4.37
N ARG C 297 -22.61 2.20 -4.42
CA ARG C 297 -23.67 2.93 -5.13
C ARG C 297 -23.90 4.28 -4.47
N ASN C 298 -23.78 4.33 -3.14
CA ASN C 298 -23.99 5.55 -2.38
C ASN C 298 -22.84 6.53 -2.64
N LEU C 299 -21.62 5.99 -2.79
CA LEU C 299 -20.42 6.80 -2.95
C LEU C 299 -20.28 7.29 -4.39
N TRP C 300 -20.23 6.35 -5.34
CA TRP C 300 -19.91 6.65 -6.72
C TRP C 300 -21.15 7.15 -7.46
N GLY C 301 -22.32 6.58 -7.16
CA GLY C 301 -23.58 7.00 -7.75
C GLY C 301 -24.18 5.93 -8.64
N PRO C 302 -24.84 6.32 -9.76
CA PRO C 302 -25.57 5.36 -10.60
C PRO C 302 -24.72 4.53 -11.55
N TYR C 303 -23.45 4.93 -11.74
CA TYR C 303 -22.49 4.16 -12.51
C TYR C 303 -21.41 3.59 -11.59
N ALA C 304 -21.84 3.01 -10.46
CA ALA C 304 -20.93 2.52 -9.44
C ALA C 304 -20.19 1.27 -9.92
N GLY C 305 -20.85 0.45 -10.75
CA GLY C 305 -20.25 -0.74 -11.32
C GLY C 305 -19.09 -0.40 -12.26
N TRP C 306 -19.22 0.72 -12.97
CA TRP C 306 -18.19 1.20 -13.87
C TRP C 306 -16.96 1.68 -13.08
N ALA C 307 -17.19 2.28 -11.91
CA ALA C 307 -16.11 2.74 -11.05
C ALA C 307 -15.34 1.55 -10.51
N GLN C 308 -16.05 0.50 -10.10
CA GLN C 308 -15.44 -0.71 -9.58
C GLN C 308 -14.47 -1.28 -10.61
N ALA C 309 -14.90 -1.30 -11.89
CA ALA C 309 -14.13 -1.91 -12.96
C ALA C 309 -12.77 -1.25 -13.12
N VAL C 310 -12.69 0.05 -12.78
CA VAL C 310 -11.44 0.79 -12.83
C VAL C 310 -10.52 0.27 -11.73
N LEU C 311 -11.06 0.11 -10.51
CA LEU C 311 -10.31 -0.37 -9.37
C LEU C 311 -10.00 -1.86 -9.53
N PHE C 312 -10.94 -2.58 -10.16
CA PHE C 312 -10.77 -4.00 -10.46
C PHE C 312 -9.55 -4.19 -11.35
N SER C 313 -9.42 -3.34 -12.38
CA SER C 313 -8.33 -3.41 -13.33
C SER C 313 -7.02 -2.89 -12.73
N ALA C 314 -7.13 -1.94 -11.81
CA ALA C 314 -5.98 -1.37 -11.13
C ALA C 314 -5.42 -2.35 -10.10
N ASP C 315 -6.27 -3.27 -9.63
CA ASP C 315 -5.87 -4.27 -8.65
C ASP C 315 -4.94 -5.29 -9.31
N LEU C 316 -5.31 -5.75 -10.51
CA LEU C 316 -4.52 -6.71 -11.26
C LEU C 316 -3.11 -6.16 -11.53
N ARG C 317 -3.04 -4.87 -11.88
CA ARG C 317 -1.78 -4.22 -12.21
C ARG C 317 -1.40 -3.25 -11.09
N12 RYF D . -0.69 17.69 8.82
C15 RYF D . -2.25 18.49 7.49
C17 RYF D . -6.89 18.32 4.08
I01 RYF D . -8.43 19.05 1.54
C02 RYF D . -6.89 19.19 2.99
C03 RYF D . -5.90 20.14 2.87
C04 RYF D . -4.90 20.22 3.83
C05 RYF D . -4.88 19.37 4.91
N06 RYF D . -3.81 19.51 5.88
C07 RYF D . -3.58 18.64 7.02
N08 RYF D . -4.56 18.01 7.65
C09 RYF D . -4.32 17.23 8.71
N10 RYF D . -3.09 17.07 9.17
C11 RYF D . -2.03 17.69 8.58
N13 RYF D . -0.07 18.51 7.90
C14 RYF D . -0.99 18.99 7.09
C16 RYF D . -5.89 18.41 5.03
C1 EDO E . -9.64 16.80 20.77
O1 EDO E . -10.25 18.00 20.36
C2 EDO E . -9.28 16.77 22.21
O2 EDO E . -9.35 18.05 22.83
C1 EDO F . -4.78 16.32 -1.67
O1 EDO F . -4.88 17.04 -2.89
C2 EDO F . -5.96 16.51 -0.79
O2 EDO F . -5.66 16.33 0.58
NI NI G . -10.29 -3.35 9.86
C1 EDO H . -3.23 -26.38 3.19
O1 EDO H . -3.18 -25.18 2.44
C2 EDO H . -4.13 -26.30 4.37
O2 EDO H . -4.93 -25.13 4.39
#